data_5HF9
#
_entry.id   5HF9
#
_cell.length_a   105.931
_cell.length_b   105.931
_cell.length_c   324.415
_cell.angle_alpha   90.000
_cell.angle_beta   90.000
_cell.angle_gamma   120.000
#
_symmetry.space_group_name_H-M   'P 31 2 1'
#
loop_
_entity.id
_entity.type
_entity.pdbx_description
1 polymer Acetylcholinesterase
2 branched 2-acetamido-2-deoxy-beta-D-glucopyranose-(1-4)-[alpha-L-fucopyranose-(1-6)]2-acetamido-2-deoxy-beta-D-glucopyranose
3 non-polymer 'DIETHYL PHOSPHONATE'
4 non-polymer 1,2-ETHANEDIOL
5 non-polymer 4-(AMINOCARBONYL)-1-[({2-[(E)-(HYDROXYIMINO)METHYL]PYRIDINIUM-1-YL}METHOXY)METHYL]PYRIDINIUM
6 non-polymer 2-acetamido-2-deoxy-beta-D-glucopyranose
7 non-polymer 3,6,9,12,15,18,21-HEPTAOXATRICOSANE-1,23-DIOL
8 non-polymer 'NITRATE ION'
9 water water
#
_entity_poly.entity_id   1
_entity_poly.type   'polypeptide(L)'
_entity_poly.pdbx_seq_one_letter_code
;GREDAELLVTVRGGRLRGIRLKTPGGPVSAFLGIPFAEPPMGPRRFLPPEPKQPWSGVVDATTFQSVCYQYVDTLYPGFE
GTEMWNPNRELSEDCLYLNVWTPYPRPTSPTPVLVWIYGGGFYSGASSLDVYDGRFLVQAERTVLVSMNYRVGAFGFLAL
PGSREAPGNVGLLDQRLALQWVQENVAAFGGDPTSVTLFGESAGAASVGMHLLSPPSRGLFHRAVLQSGAPNGPWATVGM
GEARRRATQLAHLVGCPPGGTGGNDTELVACLRTRPAQVLVNHEWHVLPQESVFRFSFVPVVDGDFLSDTPEALINAGDF
HGLQVLVGVVKDEGSYFLVYGAPGFSKDNESLISRAEFLAGVRVGVPQVSDLAAEAVVLHYTDWLHPEDPARLREALSDV
VGDHNVVCPVAQLAGRLAAQGARVYAYVFEHRASTLSWPLWMGVPHGYEIEFIFGIPLDPSRNYTAEEKIFAQRLMRYWA
NFARTGDPNEPRDPKAPQWPPYTAGAQQYVSLDLRPLEVRRGLRAQACAFWNRFLPKLLSAT
;
_entity_poly.pdbx_strand_id   A,B
#
loop_
_chem_comp.id
_chem_comp.type
_chem_comp.name
_chem_comp.formula
DEP non-polymer 'DIETHYL PHOSPHONATE' 'C4 H11 O3 P'
EDO non-polymer 1,2-ETHANEDIOL 'C2 H6 O2'
FUC L-saccharide, alpha linking alpha-L-fucopyranose 'C6 H12 O5'
HI6 non-polymer 4-(AMINOCARBONYL)-1-[({2-[(E)-(HYDROXYIMINO)METHYL]PYRIDINIUM-1-YL}METHOXY)METHYL]PYRIDINIUM 'C14 H16 N4 O3 2'
NAG D-saccharide, beta linking 2-acetamido-2-deoxy-beta-D-glucopyranose 'C8 H15 N O6'
NO3 non-polymer 'NITRATE ION' 'N O3 -1'
PE8 non-polymer 3,6,9,12,15,18,21-HEPTAOXATRICOSANE-1,23-DIOL 'C16 H34 O9'
#
# COMPACT_ATOMS: atom_id res chain seq x y z
N GLU A 3 24.63 2.95 -64.42
CA GLU A 3 25.03 2.51 -63.10
C GLU A 3 24.95 3.65 -62.08
N ASP A 4 24.38 3.38 -60.92
CA ASP A 4 24.15 4.44 -59.95
C ASP A 4 25.25 4.48 -58.89
N ALA A 5 26.08 5.53 -58.92
CA ALA A 5 27.22 5.63 -58.02
C ALA A 5 26.80 6.00 -56.59
N GLU A 6 25.54 6.40 -56.42
CA GLU A 6 25.02 6.64 -55.07
C GLU A 6 24.82 5.33 -54.29
N LEU A 7 24.71 4.22 -55.00
CA LEU A 7 24.52 2.92 -54.37
C LEU A 7 25.83 2.14 -54.25
N LEU A 8 26.94 2.77 -54.61
CA LEU A 8 28.23 2.13 -54.44
C LEU A 8 28.95 2.81 -53.29
N VAL A 9 29.45 2.00 -52.37
CA VAL A 9 30.07 2.50 -51.13
C VAL A 9 31.23 1.60 -50.78
N THR A 10 32.35 2.19 -50.38
CA THR A 10 33.47 1.39 -49.91
C THR A 10 33.66 1.60 -48.42
N VAL A 11 33.61 0.51 -47.65
CA VAL A 11 33.87 0.58 -46.22
C VAL A 11 35.22 -0.08 -45.99
N ARG A 12 35.70 -0.13 -44.76
CA ARG A 12 37.06 -0.61 -44.54
C ARG A 12 37.28 -2.02 -45.07
N GLY A 13 36.25 -2.86 -45.01
CA GLY A 13 36.41 -4.24 -45.40
C GLY A 13 36.22 -4.52 -46.88
N GLY A 14 35.73 -3.53 -47.62
CA GLY A 14 35.41 -3.76 -49.02
C GLY A 14 34.32 -2.87 -49.60
N ARG A 15 33.89 -3.25 -50.80
CA ARG A 15 32.91 -2.53 -51.59
C ARG A 15 31.49 -3.08 -51.37
N LEU A 16 30.51 -2.18 -51.41
CA LEU A 16 29.10 -2.53 -51.22
C LEU A 16 28.23 -2.05 -52.39
N ARG A 17 27.24 -2.84 -52.75
CA ARG A 17 26.21 -2.38 -53.68
C ARG A 17 24.85 -2.32 -52.98
N GLY A 18 24.35 -1.11 -52.78
CA GLY A 18 23.05 -0.91 -52.12
C GLY A 18 21.88 -0.88 -53.09
N ILE A 19 20.75 -0.36 -52.63
CA ILE A 19 19.53 -0.34 -53.42
C ILE A 19 18.76 0.93 -53.10
N ARG A 20 18.02 1.44 -54.08
CA ARG A 20 17.23 2.64 -53.91
C ARG A 20 15.81 2.23 -53.52
N LEU A 21 15.25 2.89 -52.53
CA LEU A 21 13.91 2.55 -52.01
C LEU A 21 12.99 3.71 -52.29
N LYS A 22 11.70 3.43 -52.47
CA LYS A 22 10.71 4.48 -52.66
C LYS A 22 9.92 4.75 -51.38
N THR A 23 9.60 6.02 -51.17
CA THR A 23 8.64 6.47 -50.17
C THR A 23 7.71 7.50 -50.81
N PRO A 24 6.57 7.76 -50.17
CA PRO A 24 5.69 8.82 -50.66
C PRO A 24 6.36 10.20 -50.64
N GLY A 25 7.52 10.29 -50.02
CA GLY A 25 8.24 11.56 -49.99
C GLY A 25 9.46 11.63 -50.88
N GLY A 26 9.67 10.60 -51.72
CA GLY A 26 10.88 10.53 -52.50
C GLY A 26 11.81 9.39 -52.08
N PRO A 27 12.85 9.11 -52.88
CA PRO A 27 13.74 7.98 -52.64
C PRO A 27 14.70 8.13 -51.44
N VAL A 28 15.29 7.00 -51.11
CA VAL A 28 16.15 6.85 -49.98
C VAL A 28 17.18 5.83 -50.43
N SER A 29 18.41 5.92 -49.93
CA SER A 29 19.42 4.89 -50.20
C SER A 29 19.44 3.89 -49.05
N ALA A 30 19.55 2.61 -49.36
CA ALA A 30 19.59 1.59 -48.33
C ALA A 30 20.69 0.59 -48.59
N PHE A 31 21.34 0.15 -47.52
CA PHE A 31 22.38 -0.85 -47.61
C PHE A 31 22.08 -1.90 -46.54
N LEU A 32 21.55 -3.01 -47.02
CA LEU A 32 20.93 -4.05 -46.23
C LEU A 32 21.75 -5.31 -46.31
N GLY A 33 22.05 -5.91 -45.16
CA GLY A 33 22.78 -7.15 -45.13
C GLY A 33 24.29 -6.99 -45.23
N ILE A 34 24.82 -5.96 -44.58
CA ILE A 34 26.27 -5.72 -44.52
C ILE A 34 26.90 -6.61 -43.44
N PRO A 35 27.86 -7.46 -43.83
CA PRO A 35 28.50 -8.30 -42.81
C PRO A 35 29.37 -7.49 -41.85
N PHE A 36 29.17 -7.59 -40.52
CA PHE A 36 30.03 -6.83 -39.62
C PHE A 36 30.82 -7.74 -38.69
N ALA A 37 30.52 -9.03 -38.73
CA ALA A 37 31.29 -10.00 -37.98
C ALA A 37 31.57 -11.25 -38.80
N GLU A 38 32.58 -12.01 -38.41
CA GLU A 38 32.68 -13.38 -38.91
C GLU A 38 31.48 -14.19 -38.38
N PRO A 39 30.90 -15.03 -39.24
CA PRO A 39 29.77 -15.89 -38.82
C PRO A 39 30.09 -16.67 -37.54
N PRO A 40 29.27 -16.47 -36.51
CA PRO A 40 29.52 -17.13 -35.22
C PRO A 40 29.04 -18.58 -35.20
N MET A 41 29.60 -19.43 -36.06
CA MET A 41 29.16 -20.81 -36.20
C MET A 41 30.23 -21.82 -35.83
N GLY A 42 29.79 -23.06 -35.65
CA GLY A 42 30.68 -24.14 -35.26
C GLY A 42 31.45 -23.83 -34.00
N PRO A 43 32.78 -23.83 -34.13
CA PRO A 43 33.64 -23.56 -32.96
C PRO A 43 33.41 -22.16 -32.38
N ARG A 44 32.75 -21.29 -33.14
CA ARG A 44 32.52 -19.91 -32.69
C ARG A 44 31.18 -19.68 -32.01
N ARG A 45 30.32 -20.70 -31.96
CA ARG A 45 29.10 -20.61 -31.15
C ARG A 45 29.44 -20.28 -29.70
N PHE A 46 28.69 -19.34 -29.14
CA PHE A 46 28.82 -18.88 -27.75
C PHE A 46 30.01 -17.96 -27.51
N LEU A 47 30.84 -17.78 -28.53
CA LEU A 47 32.02 -16.93 -28.42
C LEU A 47 31.76 -15.48 -28.82
N PRO A 48 32.57 -14.55 -28.27
CA PRO A 48 32.54 -13.14 -28.70
C PRO A 48 32.64 -12.99 -30.21
N PRO A 49 32.01 -11.97 -30.77
CA PRO A 49 32.08 -11.78 -32.24
C PRO A 49 33.49 -11.39 -32.70
N GLU A 50 33.90 -11.89 -33.85
CA GLU A 50 35.15 -11.44 -34.45
C GLU A 50 34.83 -10.45 -35.54
N PRO A 51 35.62 -9.38 -35.65
CA PRO A 51 35.44 -8.44 -36.78
C PRO A 51 35.45 -9.18 -38.11
N LYS A 52 34.60 -8.73 -39.04
CA LYS A 52 34.52 -9.37 -40.34
C LYS A 52 35.81 -9.13 -41.12
N GLN A 53 36.42 -10.19 -41.62
CA GLN A 53 37.62 -10.06 -42.47
C GLN A 53 37.28 -9.40 -43.82
N PRO A 54 38.22 -8.60 -44.36
CA PRO A 54 38.04 -7.97 -45.68
C PRO A 54 37.71 -8.97 -46.78
N TRP A 55 36.92 -8.51 -47.74
CA TRP A 55 36.49 -9.35 -48.86
C TRP A 55 36.91 -8.69 -50.17
N SER A 56 37.02 -9.46 -51.25
CA SER A 56 37.25 -8.86 -52.56
C SER A 56 35.93 -8.85 -53.30
N GLY A 57 35.86 -8.10 -54.39
CA GLY A 57 34.61 -7.98 -55.11
C GLY A 57 33.57 -7.18 -54.34
N VAL A 58 32.32 -7.33 -54.75
CA VAL A 58 31.27 -6.48 -54.23
C VAL A 58 30.24 -7.28 -53.40
N VAL A 59 30.07 -6.92 -52.12
CA VAL A 59 29.02 -7.53 -51.30
C VAL A 59 27.69 -6.97 -51.78
N ASP A 60 26.75 -7.85 -52.04
CA ASP A 60 25.43 -7.45 -52.51
C ASP A 60 24.58 -7.02 -51.30
N ALA A 61 24.37 -5.72 -51.11
CA ALA A 61 23.62 -5.28 -49.93
C ALA A 61 22.28 -4.66 -50.30
N THR A 62 21.48 -5.44 -51.03
CA THR A 62 20.20 -4.99 -51.60
C THR A 62 19.01 -5.61 -50.86
N THR A 63 19.27 -6.57 -49.97
CA THR A 63 18.19 -7.24 -49.25
C THR A 63 18.58 -7.65 -47.83
N PHE A 64 17.60 -7.80 -46.93
CA PHE A 64 17.90 -8.18 -45.56
C PHE A 64 18.55 -9.57 -45.49
N GLN A 65 19.35 -9.78 -44.46
CA GLN A 65 20.01 -11.05 -44.29
C GLN A 65 19.23 -11.91 -43.32
N SER A 66 19.72 -13.13 -43.10
CA SER A 66 19.06 -14.09 -42.21
C SER A 66 18.81 -13.58 -40.78
N VAL A 67 17.80 -14.17 -40.13
CA VAL A 67 17.44 -13.85 -38.75
C VAL A 67 18.18 -14.81 -37.81
N CYS A 68 18.74 -14.29 -36.72
CA CYS A 68 19.44 -15.12 -35.74
C CYS A 68 18.47 -16.13 -35.18
N TYR A 69 18.95 -17.37 -34.99
CA TYR A 69 18.11 -18.46 -34.48
C TYR A 69 17.33 -18.09 -33.24
N GLN A 70 16.03 -18.39 -33.24
CA GLN A 70 15.17 -17.99 -32.14
C GLN A 70 13.87 -18.78 -32.16
N TYR A 71 13.19 -18.82 -31.02
CA TYR A 71 11.85 -19.37 -30.94
C TYR A 71 10.89 -18.63 -31.89
N VAL A 72 9.94 -19.35 -32.49
CA VAL A 72 8.90 -18.70 -33.29
C VAL A 72 7.55 -18.83 -32.56
N ASP A 73 6.96 -17.68 -32.24
CA ASP A 73 5.66 -17.59 -31.56
C ASP A 73 4.54 -18.30 -32.30
N THR A 74 3.89 -19.27 -31.65
CA THR A 74 2.77 -20.00 -32.25
C THR A 74 1.42 -19.87 -31.53
N LEU A 75 1.27 -18.83 -30.70
CA LEU A 75 0.08 -18.71 -29.86
C LEU A 75 -1.18 -18.52 -30.68
N TYR A 76 -1.11 -17.63 -31.66
CA TYR A 76 -2.24 -17.39 -32.55
C TYR A 76 -1.76 -17.47 -34.01
N PRO A 77 -1.65 -18.70 -34.54
CA PRO A 77 -1.15 -18.89 -35.90
C PRO A 77 -1.80 -17.94 -36.90
N GLY A 78 -0.98 -17.17 -37.61
CA GLY A 78 -1.46 -16.28 -38.66
C GLY A 78 -2.12 -14.99 -38.21
N PHE A 79 -2.22 -14.79 -36.91
CA PHE A 79 -2.70 -13.52 -36.39
C PHE A 79 -1.67 -12.41 -36.66
N GLU A 80 -2.12 -11.30 -37.26
CA GLU A 80 -1.31 -10.14 -37.50
C GLU A 80 -0.51 -9.69 -36.26
N GLY A 81 -1.18 -9.64 -35.11
CA GLY A 81 -0.61 -9.03 -33.93
C GLY A 81 0.56 -9.80 -33.36
N THR A 82 0.69 -11.07 -33.70
CA THR A 82 1.84 -11.85 -33.25
C THR A 82 2.81 -12.09 -34.40
N GLU A 83 2.29 -12.28 -35.61
CA GLU A 83 3.16 -12.58 -36.76
C GLU A 83 4.06 -11.41 -37.14
N MET A 84 3.64 -10.18 -36.80
CA MET A 84 4.45 -9.00 -37.11
C MET A 84 5.78 -8.98 -36.33
N TRP A 85 5.94 -9.87 -35.36
CA TRP A 85 7.15 -9.92 -34.55
C TRP A 85 7.98 -11.15 -34.89
N ASN A 86 7.41 -12.05 -35.67
CA ASN A 86 8.09 -13.29 -36.02
C ASN A 86 9.12 -13.11 -37.13
N PRO A 87 10.10 -14.03 -37.19
CA PRO A 87 11.12 -13.95 -38.24
C PRO A 87 10.47 -13.80 -39.63
N ASN A 88 10.98 -12.87 -40.44
CA ASN A 88 10.45 -12.73 -41.76
C ASN A 88 11.57 -13.02 -42.75
N ARG A 89 12.60 -13.70 -42.27
CA ARG A 89 13.64 -14.26 -43.14
C ARG A 89 13.99 -15.62 -42.55
N GLU A 90 14.71 -16.43 -43.30
CA GLU A 90 15.07 -17.75 -42.82
C GLU A 90 16.03 -17.63 -41.62
N LEU A 91 15.87 -18.52 -40.65
CA LEU A 91 16.74 -18.56 -39.48
C LEU A 91 18.13 -19.04 -39.85
N SER A 92 19.13 -18.49 -39.18
CA SER A 92 20.51 -18.94 -39.35
C SER A 92 21.40 -18.37 -38.26
N GLU A 93 22.41 -19.15 -37.85
CA GLU A 93 23.44 -18.65 -36.93
C GLU A 93 24.39 -17.68 -37.65
N ASP A 94 24.41 -17.75 -38.98
CA ASP A 94 25.14 -16.80 -39.81
C ASP A 94 24.21 -15.62 -39.99
N CYS A 95 24.23 -14.69 -39.03
CA CYS A 95 23.20 -13.65 -38.94
C CYS A 95 23.71 -12.29 -38.50
N LEU A 96 25.02 -12.13 -38.40
CA LEU A 96 25.54 -10.87 -37.91
C LEU A 96 25.75 -9.87 -39.07
N TYR A 97 24.65 -9.24 -39.43
CA TYR A 97 24.63 -8.25 -40.50
C TYR A 97 23.99 -6.99 -39.95
N LEU A 98 24.31 -5.84 -40.53
CA LEU A 98 23.62 -4.62 -40.15
C LEU A 98 23.13 -3.91 -41.41
N ASN A 99 22.35 -2.84 -41.19
CA ASN A 99 21.67 -2.14 -42.25
C ASN A 99 21.89 -0.64 -42.11
N VAL A 100 21.99 0.04 -43.24
CA VAL A 100 22.16 1.48 -43.26
C VAL A 100 21.18 2.06 -44.28
N TRP A 101 20.36 3.01 -43.84
CA TRP A 101 19.55 3.83 -44.73
C TRP A 101 20.09 5.23 -44.63
N THR A 102 20.05 5.93 -45.75
CA THR A 102 20.62 7.26 -45.87
C THR A 102 19.82 8.02 -46.92
N PRO A 103 19.73 9.36 -46.81
CA PRO A 103 19.06 10.20 -47.81
C PRO A 103 19.59 9.96 -49.23
N TYR A 104 18.78 10.29 -50.22
CA TYR A 104 19.17 10.14 -51.62
C TYR A 104 19.08 11.51 -52.31
N PRO A 105 20.18 11.95 -52.94
CA PRO A 105 21.46 11.23 -52.94
C PRO A 105 22.14 11.32 -51.56
N ARG A 106 23.23 10.58 -51.34
CA ARG A 106 23.87 10.56 -50.01
C ARG A 106 24.23 11.94 -49.54
N PRO A 107 24.11 12.17 -48.22
CA PRO A 107 24.53 13.45 -47.63
C PRO A 107 26.00 13.74 -47.97
N THR A 108 26.34 15.01 -48.19
CA THR A 108 27.74 15.39 -48.44
C THR A 108 28.31 16.17 -47.26
N SER A 109 27.49 16.47 -46.27
CA SER A 109 27.97 16.93 -44.97
C SER A 109 27.57 15.92 -43.89
N PRO A 110 28.33 15.82 -42.78
CA PRO A 110 28.02 14.91 -41.67
C PRO A 110 26.59 15.01 -41.17
N THR A 111 25.88 13.89 -41.23
CA THR A 111 24.50 13.78 -40.83
C THR A 111 24.42 12.97 -39.54
N PRO A 112 23.59 13.40 -38.57
CA PRO A 112 23.47 12.65 -37.31
C PRO A 112 22.91 11.24 -37.51
N VAL A 113 23.38 10.32 -36.69
CA VAL A 113 23.06 8.91 -36.84
C VAL A 113 22.13 8.44 -35.71
N LEU A 114 21.07 7.74 -36.12
CA LEU A 114 20.19 6.96 -35.23
C LEU A 114 20.54 5.48 -35.39
N VAL A 115 20.77 4.80 -34.27
CA VAL A 115 21.07 3.38 -34.30
C VAL A 115 20.00 2.59 -33.52
N TRP A 116 19.27 1.73 -34.21
CA TRP A 116 18.14 1.00 -33.63
C TRP A 116 18.55 -0.35 -33.05
N ILE A 117 18.13 -0.67 -31.82
CA ILE A 117 18.35 -2.02 -31.27
C ILE A 117 17.00 -2.68 -30.97
N TYR A 118 16.71 -3.81 -31.62
CA TYR A 118 15.35 -4.38 -31.52
C TYR A 118 15.16 -5.06 -30.18
N GLY A 119 13.92 -5.19 -29.73
CA GLY A 119 13.58 -5.98 -28.55
C GLY A 119 13.12 -7.39 -28.93
N GLY A 120 12.53 -8.10 -27.97
CA GLY A 120 12.20 -9.51 -28.12
C GLY A 120 12.69 -10.34 -26.93
N GLY A 121 12.76 -9.71 -25.75
CA GLY A 121 13.12 -10.39 -24.49
C GLY A 121 14.48 -11.07 -24.46
N PHE A 122 15.37 -10.64 -25.36
CA PHE A 122 16.70 -11.24 -25.57
C PHE A 122 16.59 -12.66 -26.12
N TYR A 123 15.39 -13.09 -26.49
CA TYR A 123 15.25 -14.44 -27.07
C TYR A 123 14.77 -14.38 -28.53
N SER A 124 14.49 -13.19 -29.04
CA SER A 124 13.94 -13.06 -30.38
C SER A 124 14.11 -11.66 -30.96
N GLY A 125 13.70 -11.50 -32.22
CA GLY A 125 13.72 -10.19 -32.87
C GLY A 125 14.62 -10.19 -34.09
N ALA A 126 14.43 -9.22 -34.97
CA ALA A 126 15.26 -9.06 -36.15
C ALA A 126 15.25 -7.63 -36.55
N SER A 127 16.32 -7.20 -37.23
CA SER A 127 16.34 -5.88 -37.82
C SER A 127 15.53 -5.81 -39.15
N SER A 128 15.11 -6.95 -39.66
CA SER A 128 14.37 -6.99 -40.94
C SER A 128 12.84 -6.85 -40.82
N LEU A 129 12.29 -6.80 -39.61
CA LEU A 129 10.83 -6.70 -39.47
C LEU A 129 10.30 -5.45 -40.17
N ASP A 130 9.15 -5.57 -40.81
CA ASP A 130 8.56 -4.44 -41.55
C ASP A 130 8.42 -3.21 -40.68
N VAL A 131 8.09 -3.43 -39.42
CA VAL A 131 7.82 -2.35 -38.51
C VAL A 131 9.11 -1.59 -38.13
N TYR A 132 10.28 -2.09 -38.53
CA TYR A 132 11.57 -1.43 -38.24
C TYR A 132 12.17 -0.79 -39.49
N ASP A 133 11.35 -0.70 -40.54
CA ASP A 133 11.74 -0.18 -41.84
C ASP A 133 12.20 1.28 -41.72
N GLY A 134 13.49 1.53 -41.95
CA GLY A 134 14.03 2.87 -41.80
C GLY A 134 13.75 3.96 -42.85
N ARG A 135 13.08 3.62 -43.95
CA ARG A 135 12.94 4.55 -45.07
C ARG A 135 12.18 5.84 -44.75
N PHE A 136 11.12 5.78 -43.95
CA PHE A 136 10.29 6.96 -43.70
C PHE A 136 10.98 7.97 -42.79
N LEU A 137 11.69 7.46 -41.78
CA LEU A 137 12.44 8.31 -40.85
C LEU A 137 13.56 9.03 -41.56
N VAL A 138 14.29 8.29 -42.39
CA VAL A 138 15.43 8.87 -43.09
C VAL A 138 14.96 9.92 -44.09
N GLN A 139 13.89 9.66 -44.82
CA GLN A 139 13.44 10.62 -45.82
C GLN A 139 12.88 11.87 -45.15
N ALA A 140 12.15 11.68 -44.06
CA ALA A 140 11.44 12.79 -43.42
C ALA A 140 12.34 13.66 -42.58
N GLU A 141 13.35 13.07 -41.95
CA GLU A 141 14.08 13.81 -40.95
C GLU A 141 15.56 13.85 -41.28
N ARG A 142 15.90 13.19 -42.39
CA ARG A 142 17.20 13.31 -43.01
C ARG A 142 18.33 13.02 -42.05
N THR A 143 18.18 11.93 -41.31
CA THR A 143 19.24 11.35 -40.49
C THR A 143 19.82 10.17 -41.27
N VAL A 144 20.93 9.62 -40.79
CA VAL A 144 21.31 8.27 -41.17
C VAL A 144 20.76 7.31 -40.11
N LEU A 145 20.25 6.16 -40.57
CA LEU A 145 19.68 5.14 -39.71
C LEU A 145 20.43 3.84 -39.89
N VAL A 146 20.83 3.25 -38.77
CA VAL A 146 21.50 1.96 -38.71
C VAL A 146 20.77 1.02 -37.76
N SER A 147 20.69 -0.26 -38.12
CA SER A 147 20.17 -1.32 -37.24
C SER A 147 20.98 -2.59 -37.49
N MET A 148 21.19 -3.37 -36.43
CA MET A 148 21.97 -4.59 -36.54
C MET A 148 21.18 -5.79 -36.02
N ASN A 149 21.55 -6.97 -36.50
CA ASN A 149 21.09 -8.19 -35.85
C ASN A 149 22.10 -8.53 -34.75
N TYR A 150 21.63 -9.10 -33.66
CA TYR A 150 22.54 -9.57 -32.64
C TYR A 150 22.02 -10.89 -32.16
N ARG A 151 22.91 -11.76 -31.69
CA ARG A 151 22.50 -13.10 -31.28
C ARG A 151 21.61 -13.08 -30.05
N VAL A 152 20.59 -13.94 -30.06
CA VAL A 152 19.61 -13.99 -28.98
C VAL A 152 19.50 -15.40 -28.44
N GLY A 153 18.71 -15.60 -27.39
CA GLY A 153 18.54 -16.93 -26.82
C GLY A 153 19.86 -17.43 -26.25
N ALA A 154 20.08 -18.74 -26.24
CA ALA A 154 21.35 -19.28 -25.76
C ALA A 154 22.54 -18.84 -26.65
N PHE A 155 22.30 -18.68 -27.94
CA PHE A 155 23.36 -18.26 -28.86
C PHE A 155 23.95 -16.91 -28.49
N GLY A 156 23.16 -16.06 -27.83
CA GLY A 156 23.62 -14.75 -27.46
C GLY A 156 23.96 -14.61 -25.99
N PHE A 157 23.36 -15.45 -25.14
CA PHE A 157 23.41 -15.16 -23.72
C PHE A 157 23.58 -16.37 -22.81
N LEU A 158 23.84 -17.55 -23.36
CA LEU A 158 24.15 -18.69 -22.50
C LEU A 158 25.49 -18.42 -21.83
N ALA A 159 25.57 -18.61 -20.51
CA ALA A 159 26.82 -18.30 -19.81
C ALA A 159 27.24 -19.37 -18.81
N LEU A 160 28.49 -19.77 -18.91
CA LEU A 160 29.15 -20.52 -17.85
C LEU A 160 30.23 -19.60 -17.29
N PRO A 161 29.86 -18.76 -16.30
CA PRO A 161 30.74 -17.70 -15.80
C PRO A 161 32.14 -18.22 -15.43
N GLY A 162 33.17 -17.51 -15.88
CA GLY A 162 34.53 -17.99 -15.72
C GLY A 162 35.09 -18.58 -17.00
N SER A 163 34.29 -19.38 -17.72
CA SER A 163 34.81 -20.10 -18.87
C SER A 163 35.18 -19.18 -20.04
N ARG A 164 36.17 -19.59 -20.82
CA ARG A 164 36.43 -18.91 -22.08
C ARG A 164 35.43 -19.34 -23.12
N GLU A 165 34.89 -20.56 -22.97
CA GLU A 165 34.08 -21.19 -24.02
C GLU A 165 32.64 -20.65 -24.10
N ALA A 166 32.09 -20.23 -22.98
CA ALA A 166 30.81 -19.52 -22.96
C ALA A 166 30.80 -18.45 -21.87
N PRO A 167 31.41 -17.28 -22.17
CA PRO A 167 31.60 -16.18 -21.20
C PRO A 167 30.35 -15.34 -20.90
N GLY A 168 29.31 -15.46 -21.71
CA GLY A 168 28.12 -14.65 -21.49
C GLY A 168 28.17 -13.35 -22.27
N ASN A 169 27.00 -12.79 -22.50
CA ASN A 169 26.85 -11.43 -23.02
C ASN A 169 27.37 -11.20 -24.43
N VAL A 170 27.58 -12.28 -25.20
CA VAL A 170 28.15 -12.11 -26.53
C VAL A 170 27.16 -11.38 -27.46
N GLY A 171 25.87 -11.56 -27.20
CA GLY A 171 24.86 -10.80 -27.92
C GLY A 171 25.04 -9.31 -27.69
N LEU A 172 25.36 -8.91 -26.45
CA LEU A 172 25.70 -7.49 -26.17
C LEU A 172 26.99 -7.06 -26.91
N LEU A 173 27.98 -7.94 -26.96
CA LEU A 173 29.19 -7.68 -27.73
C LEU A 173 28.88 -7.54 -29.23
N ASP A 174 27.93 -8.31 -29.74
CA ASP A 174 27.48 -8.17 -31.13
C ASP A 174 27.05 -6.73 -31.36
N GLN A 175 26.26 -6.20 -30.43
CA GLN A 175 25.79 -4.81 -30.57
C GLN A 175 26.95 -3.79 -30.52
N ARG A 176 27.89 -4.02 -29.60
CA ARG A 176 29.04 -3.13 -29.44
C ARG A 176 29.92 -3.13 -30.70
N LEU A 177 30.18 -4.33 -31.22
CA LEU A 177 30.92 -4.44 -32.48
C LEU A 177 30.24 -3.61 -33.56
N ALA A 178 28.92 -3.68 -33.60
CA ALA A 178 28.18 -2.95 -34.63
C ALA A 178 28.33 -1.44 -34.41
N LEU A 179 28.37 -1.03 -33.14
CA LEU A 179 28.62 0.38 -32.81
C LEU A 179 30.03 0.84 -33.20
N GLN A 180 31.03 -0.01 -32.95
CA GLN A 180 32.41 0.19 -33.41
C GLN A 180 32.42 0.33 -34.93
N TRP A 181 31.69 -0.55 -35.60
CA TRP A 181 31.59 -0.55 -37.06
C TRP A 181 31.09 0.80 -37.55
N VAL A 182 30.12 1.34 -36.82
CA VAL A 182 29.53 2.62 -37.16
C VAL A 182 30.54 3.73 -36.98
N GLN A 183 31.29 3.69 -35.88
CA GLN A 183 32.34 4.67 -35.65
C GLN A 183 33.34 4.65 -36.80
N GLU A 184 33.72 3.46 -37.25
CA GLU A 184 34.70 3.36 -38.36
C GLU A 184 34.13 3.63 -39.76
N ASN A 185 32.85 3.36 -40.02
CA ASN A 185 32.41 3.37 -41.42
C ASN A 185 31.22 4.27 -41.77
N VAL A 186 30.57 4.86 -40.77
CA VAL A 186 29.32 5.55 -41.08
C VAL A 186 29.60 6.77 -41.95
N ALA A 187 30.75 7.42 -41.76
CA ALA A 187 31.13 8.59 -42.59
C ALA A 187 31.05 8.31 -44.08
N ALA A 188 31.35 7.07 -44.48
CA ALA A 188 31.32 6.72 -45.91
C ALA A 188 29.90 6.75 -46.49
N PHE A 189 28.91 6.90 -45.61
CA PHE A 189 27.50 6.96 -46.01
C PHE A 189 26.94 8.37 -45.86
N GLY A 190 27.77 9.30 -45.37
CA GLY A 190 27.32 10.64 -45.03
C GLY A 190 26.99 10.82 -43.56
N GLY A 191 27.17 9.77 -42.77
CA GLY A 191 26.90 9.86 -41.35
C GLY A 191 28.00 10.52 -40.55
N ASP A 192 27.62 11.11 -39.42
CA ASP A 192 28.53 11.77 -38.50
C ASP A 192 28.78 10.91 -37.26
N PRO A 193 29.96 10.29 -37.17
CA PRO A 193 30.29 9.40 -36.05
C PRO A 193 30.35 10.13 -34.71
N THR A 194 30.33 11.46 -34.73
CA THR A 194 30.36 12.27 -33.50
C THR A 194 28.94 12.64 -33.03
N SER A 195 27.92 12.24 -33.79
CA SER A 195 26.53 12.44 -33.36
C SER A 195 25.75 11.12 -33.53
N VAL A 196 25.92 10.21 -32.60
CA VAL A 196 25.26 8.92 -32.69
C VAL A 196 24.29 8.73 -31.52
N THR A 197 22.99 8.59 -31.85
CA THR A 197 21.94 8.38 -30.87
C THR A 197 21.43 6.94 -30.95
N LEU A 198 21.50 6.24 -29.81
CA LEU A 198 20.97 4.87 -29.65
C LEU A 198 19.50 4.91 -29.27
N PHE A 199 18.68 4.11 -29.93
CA PHE A 199 17.32 3.94 -29.46
C PHE A 199 16.92 2.49 -29.62
N GLY A 200 16.02 2.04 -28.76
CA GLY A 200 15.67 0.64 -28.67
C GLY A 200 14.42 0.50 -27.84
N GLU A 201 13.70 -0.61 -28.03
CA GLU A 201 12.46 -0.84 -27.31
C GLU A 201 12.50 -2.19 -26.56
N SER A 202 11.91 -2.23 -25.36
CA SER A 202 11.88 -3.43 -24.52
C SER A 202 13.31 -3.92 -24.20
N ALA A 203 13.67 -5.15 -24.57
CA ALA A 203 15.05 -5.65 -24.44
C ALA A 203 16.08 -4.80 -25.24
N GLY A 204 15.59 -4.08 -26.23
CA GLY A 204 16.40 -3.14 -26.99
C GLY A 204 16.65 -1.91 -26.13
N ALA A 205 15.64 -1.47 -25.37
CA ALA A 205 15.87 -0.35 -24.47
C ALA A 205 16.78 -0.82 -23.30
N ALA A 206 16.53 -2.00 -22.76
CA ALA A 206 17.44 -2.57 -21.76
C ALA A 206 18.89 -2.59 -22.27
N SER A 207 19.04 -2.94 -23.54
CA SER A 207 20.36 -3.01 -24.15
C SER A 207 20.99 -1.63 -24.25
N VAL A 208 20.20 -0.65 -24.67
CA VAL A 208 20.70 0.71 -24.69
C VAL A 208 21.23 1.14 -23.30
N GLY A 209 20.45 0.92 -22.24
CA GLY A 209 20.89 1.30 -20.91
C GLY A 209 22.14 0.54 -20.46
N MET A 210 22.28 -0.71 -20.90
CA MET A 210 23.46 -1.47 -20.53
C MET A 210 24.69 -0.88 -21.20
N HIS A 211 24.53 -0.36 -22.42
CA HIS A 211 25.65 0.28 -23.08
C HIS A 211 25.98 1.57 -22.35
N LEU A 212 24.97 2.21 -21.76
CA LEU A 212 25.18 3.41 -20.96
C LEU A 212 26.05 3.11 -19.76
N LEU A 213 25.84 1.93 -19.15
CA LEU A 213 26.50 1.56 -17.89
C LEU A 213 27.79 0.77 -18.08
N SER A 214 28.22 0.61 -19.32
CA SER A 214 29.43 -0.16 -19.58
C SER A 214 30.42 0.74 -20.33
N PRO A 215 31.51 1.16 -19.65
CA PRO A 215 32.49 2.12 -20.17
C PRO A 215 33.02 1.85 -21.58
N PRO A 216 33.33 0.59 -21.93
CA PRO A 216 33.80 0.43 -23.32
C PRO A 216 32.75 0.74 -24.42
N SER A 217 31.45 0.73 -24.10
CA SER A 217 30.43 1.15 -25.09
C SER A 217 30.22 2.64 -25.08
N ARG A 218 30.54 3.28 -23.95
CA ARG A 218 30.06 4.62 -23.69
C ARG A 218 30.72 5.61 -24.65
N GLY A 219 31.93 5.29 -25.08
CA GLY A 219 32.59 6.11 -26.07
C GLY A 219 32.04 5.98 -27.47
N LEU A 220 31.11 5.06 -27.70
CA LEU A 220 30.63 4.77 -29.05
C LEU A 220 29.33 5.48 -29.41
N PHE A 221 28.79 6.28 -28.49
CA PHE A 221 27.57 7.04 -28.80
C PHE A 221 27.47 8.22 -27.87
N HIS A 222 26.46 9.05 -28.10
CA HIS A 222 26.39 10.35 -27.45
C HIS A 222 25.04 10.60 -26.79
N ARG A 223 23.96 10.05 -27.32
CA ARG A 223 22.65 10.19 -26.68
C ARG A 223 21.92 8.86 -26.68
N ALA A 224 20.78 8.80 -26.00
CA ALA A 224 20.12 7.52 -25.74
C ALA A 224 18.62 7.65 -25.60
N VAL A 225 17.92 6.72 -26.25
CA VAL A 225 16.47 6.65 -26.17
C VAL A 225 16.05 5.28 -25.70
N LEU A 226 15.23 5.27 -24.64
CA LEU A 226 14.78 4.03 -24.00
C LEU A 226 13.27 3.92 -24.00
N GLN A 227 12.73 3.16 -24.96
CA GLN A 227 11.29 2.94 -25.05
C GLN A 227 10.84 1.64 -24.37
N SER A 228 10.03 1.78 -23.31
CA SER A 228 9.39 0.64 -22.62
C SER A 228 10.35 -0.45 -22.19
N GLY A 229 11.45 -0.06 -21.58
CA GLY A 229 12.39 -1.04 -21.07
C GLY A 229 13.56 -0.34 -20.40
N ALA A 230 14.35 -1.08 -19.64
CA ALA A 230 15.36 -0.49 -18.75
C ALA A 230 16.35 -1.57 -18.30
N PRO A 231 17.62 -1.20 -18.15
CA PRO A 231 18.56 -2.28 -17.80
C PRO A 231 18.31 -2.85 -16.39
N ASN A 232 17.59 -2.10 -15.54
CA ASN A 232 17.31 -2.54 -14.18
C ASN A 232 15.99 -3.32 -14.06
N GLY A 233 15.29 -3.50 -15.16
CA GLY A 233 14.11 -4.36 -15.12
C GLY A 233 14.48 -5.73 -14.59
N PRO A 234 13.60 -6.34 -13.76
CA PRO A 234 13.86 -7.63 -13.09
C PRO A 234 13.98 -8.82 -14.06
N TRP A 235 13.63 -8.61 -15.32
CA TRP A 235 13.80 -9.65 -16.33
C TRP A 235 15.10 -9.50 -17.13
N ALA A 236 15.75 -8.32 -17.03
CA ALA A 236 16.80 -7.96 -18.01
C ALA A 236 18.16 -8.56 -17.67
N THR A 237 18.39 -8.95 -16.42
CA THR A 237 19.67 -9.57 -16.07
C THR A 237 19.52 -10.81 -15.19
N VAL A 238 20.61 -11.55 -15.06
CA VAL A 238 20.62 -12.75 -14.28
C VAL A 238 21.96 -12.81 -13.55
N GLY A 239 21.98 -13.37 -12.33
CA GLY A 239 23.21 -13.52 -11.57
C GLY A 239 24.05 -14.67 -12.09
N MET A 240 25.34 -14.67 -11.76
CA MET A 240 26.26 -15.71 -12.23
C MET A 240 25.78 -17.13 -11.88
N GLY A 241 25.41 -17.32 -10.62
CA GLY A 241 24.92 -18.62 -10.16
C GLY A 241 23.73 -19.13 -10.94
N GLU A 242 22.71 -18.28 -11.09
CA GLU A 242 21.52 -18.66 -11.84
C GLU A 242 21.84 -18.89 -13.35
N ALA A 243 22.76 -18.11 -13.91
CA ALA A 243 23.16 -18.31 -15.31
C ALA A 243 23.82 -19.68 -15.49
N ARG A 244 24.67 -20.06 -14.53
CA ARG A 244 25.31 -21.37 -14.55
C ARG A 244 24.28 -22.50 -14.42
N ARG A 245 23.29 -22.31 -13.56
CA ARG A 245 22.26 -23.33 -13.42
C ARG A 245 21.46 -23.52 -14.69
N ARG A 246 21.13 -22.42 -15.36
CA ARG A 246 20.32 -22.51 -16.57
C ARG A 246 21.12 -23.10 -17.72
N ALA A 247 22.36 -22.66 -17.90
CA ALA A 247 23.22 -23.27 -18.90
C ALA A 247 23.31 -24.77 -18.68
N THR A 248 23.47 -25.16 -17.42
CA THR A 248 23.69 -26.56 -17.08
C THR A 248 22.45 -27.41 -17.34
N GLN A 249 21.28 -26.87 -17.07
N GLN A 249 21.28 -26.86 -17.07
CA GLN A 249 20.05 -27.61 -17.36
CA GLN A 249 20.03 -27.57 -17.34
C GLN A 249 19.80 -27.74 -18.86
C GLN A 249 19.76 -27.72 -18.86
N LEU A 250 20.18 -26.74 -19.65
CA LEU A 250 20.00 -26.85 -21.09
C LEU A 250 20.85 -28.03 -21.57
N ALA A 251 22.08 -28.12 -21.10
CA ALA A 251 22.94 -29.21 -21.51
C ALA A 251 22.27 -30.55 -21.19
N HIS A 252 21.76 -30.68 -19.97
CA HIS A 252 21.16 -31.95 -19.56
C HIS A 252 19.95 -32.27 -20.43
N LEU A 253 19.12 -31.26 -20.68
CA LEU A 253 17.92 -31.41 -21.49
C LEU A 253 18.17 -31.82 -22.94
N VAL A 254 19.37 -31.56 -23.46
CA VAL A 254 19.66 -31.89 -24.86
C VAL A 254 20.71 -33.01 -24.98
N GLY A 255 20.95 -33.68 -23.85
CA GLY A 255 21.76 -34.89 -23.79
C GLY A 255 23.25 -34.65 -23.71
N CYS A 256 23.66 -33.57 -23.06
CA CYS A 256 25.07 -33.27 -22.85
C CYS A 256 25.38 -33.37 -21.38
N PRO A 257 26.61 -33.81 -21.04
CA PRO A 257 27.04 -34.04 -19.65
C PRO A 257 26.92 -32.82 -18.73
N ASN A 264 32.61 -30.13 -15.81
CA ASN A 264 33.65 -29.41 -16.55
C ASN A 264 33.09 -28.62 -17.74
N ASP A 265 33.25 -27.30 -17.67
CA ASP A 265 32.66 -26.40 -18.67
C ASP A 265 33.15 -26.65 -20.11
N THR A 266 34.43 -26.95 -20.26
CA THR A 266 35.00 -27.20 -21.59
C THR A 266 34.30 -28.36 -22.32
N GLU A 267 34.08 -29.47 -21.60
CA GLU A 267 33.37 -30.61 -22.15
C GLU A 267 31.90 -30.24 -22.44
N LEU A 268 31.33 -29.47 -21.52
CA LEU A 268 29.91 -29.13 -21.59
C LEU A 268 29.60 -28.27 -22.84
N VAL A 269 30.39 -27.23 -23.07
CA VAL A 269 30.19 -26.34 -24.21
C VAL A 269 30.50 -27.05 -25.53
N ALA A 270 31.53 -27.89 -25.51
CA ALA A 270 31.84 -28.68 -26.69
C ALA A 270 30.64 -29.53 -27.14
N CYS A 271 30.02 -30.27 -26.22
CA CYS A 271 28.86 -31.07 -26.60
C CYS A 271 27.69 -30.19 -27.06
N LEU A 272 27.48 -29.05 -26.41
CA LEU A 272 26.47 -28.09 -26.85
C LEU A 272 26.75 -27.64 -28.28
N ARG A 273 28.03 -27.46 -28.62
CA ARG A 273 28.38 -27.01 -29.95
C ARG A 273 28.13 -28.08 -31.02
N THR A 274 27.93 -29.34 -30.63
CA THR A 274 27.66 -30.38 -31.61
C THR A 274 26.16 -30.45 -31.93
N ARG A 275 25.34 -29.73 -31.17
CA ARG A 275 23.89 -29.82 -31.37
C ARG A 275 23.35 -28.84 -32.42
N PRO A 276 22.38 -29.28 -33.23
CA PRO A 276 21.73 -28.34 -34.16
C PRO A 276 21.11 -27.17 -33.40
N ALA A 277 21.17 -25.99 -34.00
CA ALA A 277 20.64 -24.78 -33.39
C ALA A 277 19.20 -24.95 -32.96
N GLN A 278 18.41 -25.65 -33.79
CA GLN A 278 16.98 -25.77 -33.57
C GLN A 278 16.69 -26.57 -32.29
N VAL A 279 17.56 -27.52 -31.96
CA VAL A 279 17.43 -28.32 -30.74
C VAL A 279 17.59 -27.49 -29.45
N LEU A 280 18.54 -26.57 -29.47
CA LEU A 280 18.72 -25.66 -28.35
C LEU A 280 17.48 -24.78 -28.21
N VAL A 281 17.03 -24.23 -29.32
CA VAL A 281 15.80 -23.44 -29.31
C VAL A 281 14.62 -24.25 -28.75
N ASN A 282 14.48 -25.52 -29.14
CA ASN A 282 13.32 -26.29 -28.78
C ASN A 282 13.16 -26.46 -27.28
N HIS A 283 14.27 -26.37 -26.55
CA HIS A 283 14.35 -26.68 -25.13
C HIS A 283 14.58 -25.48 -24.22
N GLU A 284 14.81 -24.30 -24.80
CA GLU A 284 15.32 -23.17 -24.03
C GLU A 284 14.33 -22.71 -22.94
N TRP A 285 13.04 -22.88 -23.17
CA TRP A 285 12.09 -22.36 -22.22
C TRP A 285 11.92 -23.28 -21.03
N HIS A 286 12.29 -24.54 -21.19
CA HIS A 286 12.14 -25.50 -20.10
C HIS A 286 13.25 -25.41 -19.05
N VAL A 287 13.99 -24.30 -19.03
CA VAL A 287 15.06 -24.10 -18.05
C VAL A 287 14.69 -23.03 -17.01
N LEU A 288 13.57 -22.35 -17.23
CA LEU A 288 13.08 -21.38 -16.27
C LEU A 288 12.55 -22.12 -15.03
N PRO A 289 12.87 -21.57 -13.83
CA PRO A 289 12.54 -22.11 -12.50
C PRO A 289 11.03 -22.27 -12.22
N GLN A 290 10.18 -21.40 -12.74
CA GLN A 290 8.74 -21.61 -12.57
C GLN A 290 7.93 -21.16 -13.79
N GLU A 291 6.64 -21.49 -13.78
CA GLU A 291 5.72 -21.03 -14.81
C GLU A 291 5.64 -19.51 -14.73
N SER A 292 5.71 -18.84 -15.86
CA SER A 292 5.61 -17.38 -15.85
C SER A 292 5.25 -16.74 -17.18
N VAL A 293 4.91 -15.47 -17.10
CA VAL A 293 5.00 -14.57 -18.23
C VAL A 293 6.13 -13.60 -17.90
N PHE A 294 6.71 -12.97 -18.92
N PHE A 294 6.67 -12.95 -18.92
CA PHE A 294 7.67 -11.91 -18.68
CA PHE A 294 7.70 -11.91 -18.76
C PHE A 294 9.02 -12.35 -18.10
C PHE A 294 8.99 -12.36 -18.07
N ARG A 295 9.41 -13.59 -18.34
CA ARG A 295 10.74 -14.07 -17.90
C ARG A 295 11.37 -14.88 -19.03
N PHE A 296 12.67 -14.73 -19.19
CA PHE A 296 13.34 -15.25 -20.35
C PHE A 296 14.61 -15.97 -19.96
N SER A 297 14.81 -17.16 -20.52
CA SER A 297 15.90 -18.03 -20.08
C SER A 297 17.32 -17.47 -20.16
N PHE A 298 17.71 -16.95 -21.32
CA PHE A 298 19.08 -16.48 -21.48
C PHE A 298 19.16 -14.98 -21.67
N VAL A 299 19.68 -14.29 -20.64
CA VAL A 299 19.71 -12.83 -20.62
C VAL A 299 21.11 -12.32 -20.20
N PRO A 300 21.37 -11.00 -20.36
CA PRO A 300 22.64 -10.47 -19.87
C PRO A 300 22.96 -10.91 -18.44
N VAL A 301 24.20 -11.37 -18.22
CA VAL A 301 24.59 -11.82 -16.89
C VAL A 301 25.49 -10.77 -16.22
N VAL A 302 25.28 -10.50 -14.93
CA VAL A 302 26.19 -9.61 -14.19
C VAL A 302 27.36 -10.41 -13.66
N ASP A 303 28.55 -10.11 -14.17
CA ASP A 303 29.70 -10.97 -13.93
C ASP A 303 31.02 -10.21 -13.74
N GLY A 304 30.93 -8.89 -13.65
CA GLY A 304 32.10 -8.06 -13.45
C GLY A 304 32.76 -7.56 -14.72
N ASP A 305 32.47 -8.21 -15.85
CA ASP A 305 33.11 -7.85 -17.11
C ASP A 305 32.30 -6.73 -17.81
N PHE A 306 31.35 -7.09 -18.67
CA PHE A 306 30.49 -6.12 -19.35
C PHE A 306 29.78 -5.20 -18.34
N LEU A 307 29.15 -5.81 -17.35
CA LEU A 307 28.57 -5.09 -16.22
C LEU A 307 29.41 -5.33 -14.96
N SER A 308 30.09 -4.32 -14.44
CA SER A 308 30.95 -4.55 -13.28
C SER A 308 30.14 -4.69 -11.99
N ASP A 309 28.92 -4.16 -11.97
CA ASP A 309 28.00 -4.40 -10.86
C ASP A 309 26.62 -4.62 -11.45
N THR A 310 25.59 -4.73 -10.62
CA THR A 310 24.22 -4.73 -11.13
C THR A 310 23.86 -3.36 -11.76
N PRO A 311 22.93 -3.37 -12.74
CA PRO A 311 22.54 -2.11 -13.37
C PRO A 311 22.04 -1.11 -12.34
N GLU A 312 21.36 -1.60 -11.31
CA GLU A 312 20.87 -0.77 -10.22
CA GLU A 312 20.87 -0.76 -10.22
C GLU A 312 22.00 -0.04 -9.50
N ALA A 313 22.97 -0.79 -9.00
CA ALA A 313 24.11 -0.20 -8.32
C ALA A 313 24.82 0.80 -9.23
N LEU A 314 24.98 0.43 -10.51
CA LEU A 314 25.68 1.28 -11.48
C LEU A 314 24.94 2.57 -11.73
N ILE A 315 23.61 2.50 -11.77
CA ILE A 315 22.80 3.69 -11.97
C ILE A 315 22.98 4.63 -10.78
N ASN A 316 22.98 4.07 -9.58
CA ASN A 316 23.13 4.89 -8.37
C ASN A 316 24.49 5.57 -8.23
N ALA A 317 25.53 4.92 -8.73
CA ALA A 317 26.89 5.42 -8.58
C ALA A 317 27.31 6.42 -9.64
N GLY A 318 26.62 6.42 -10.78
CA GLY A 318 27.06 7.16 -11.96
C GLY A 318 26.98 8.66 -11.91
N ASP A 319 27.93 9.32 -12.57
CA ASP A 319 27.87 10.76 -12.79
C ASP A 319 27.32 10.94 -14.20
N PHE A 320 26.11 11.44 -14.33
CA PHE A 320 25.50 11.50 -15.66
C PHE A 320 25.37 12.91 -16.22
N HIS A 321 26.18 13.82 -15.72
CA HIS A 321 26.29 15.15 -16.33
C HIS A 321 26.76 14.98 -17.76
N GLY A 322 26.16 15.73 -18.68
CA GLY A 322 26.48 15.59 -20.08
C GLY A 322 25.58 14.62 -20.86
N LEU A 323 24.76 13.86 -20.16
CA LEU A 323 23.91 12.91 -20.82
C LEU A 323 22.49 13.46 -21.00
N GLN A 324 21.98 13.31 -22.22
CA GLN A 324 20.57 13.53 -22.52
C GLN A 324 19.93 12.19 -22.84
N VAL A 325 18.76 11.96 -22.25
CA VAL A 325 18.08 10.70 -22.41
C VAL A 325 16.60 10.95 -22.67
N LEU A 326 16.02 10.20 -23.59
CA LEU A 326 14.59 10.21 -23.80
C LEU A 326 14.05 8.85 -23.38
N VAL A 327 13.02 8.82 -22.55
CA VAL A 327 12.48 7.54 -22.07
C VAL A 327 10.98 7.59 -22.03
N GLY A 328 10.34 6.44 -22.12
CA GLY A 328 8.90 6.44 -21.99
C GLY A 328 8.26 5.08 -22.04
N VAL A 329 6.93 5.08 -21.98
CA VAL A 329 6.17 3.84 -21.90
C VAL A 329 4.90 4.00 -22.74
N VAL A 330 4.29 2.88 -23.11
CA VAL A 330 2.93 2.91 -23.66
C VAL A 330 1.91 2.90 -22.50
N LYS A 331 0.66 3.23 -22.80
CA LYS A 331 -0.38 3.37 -21.78
C LYS A 331 -0.69 2.07 -21.06
N ASP A 332 -0.62 0.93 -21.75
CA ASP A 332 -0.97 -0.32 -21.10
C ASP A 332 0.09 -1.39 -21.27
N GLU A 333 1.22 -1.19 -20.59
CA GLU A 333 2.39 -2.05 -20.74
C GLU A 333 2.19 -3.53 -20.46
N GLY A 334 1.26 -3.87 -19.58
CA GLY A 334 1.14 -5.26 -19.14
C GLY A 334 0.17 -6.16 -19.90
N SER A 335 -0.77 -5.56 -20.62
CA SER A 335 -1.88 -6.33 -21.19
C SER A 335 -1.41 -7.44 -22.17
N TYR A 336 -0.59 -7.06 -23.16
CA TYR A 336 -0.01 -8.02 -24.12
C TYR A 336 0.51 -9.31 -23.50
N PHE A 337 1.23 -9.20 -22.39
CA PHE A 337 1.91 -10.36 -21.80
C PHE A 337 0.94 -11.32 -21.13
N LEU A 338 -0.25 -10.82 -20.78
CA LEU A 338 -1.15 -11.63 -19.97
C LEU A 338 -1.71 -12.83 -20.75
N VAL A 339 -1.85 -12.70 -22.07
CA VAL A 339 -2.37 -13.81 -22.86
C VAL A 339 -1.36 -14.94 -23.06
N TYR A 340 -0.17 -14.82 -22.50
CA TYR A 340 0.84 -15.86 -22.64
C TYR A 340 1.00 -16.69 -21.38
N GLY A 341 -0.06 -16.79 -20.58
CA GLY A 341 -0.09 -17.78 -19.52
C GLY A 341 -0.67 -17.37 -18.18
N ALA A 342 -1.34 -16.22 -18.14
CA ALA A 342 -2.10 -15.84 -16.96
C ALA A 342 -3.46 -16.54 -17.06
N PRO A 343 -3.84 -17.27 -16.00
CA PRO A 343 -5.13 -17.99 -16.03
C PRO A 343 -6.29 -17.07 -16.35
N GLY A 344 -7.04 -17.40 -17.41
CA GLY A 344 -8.27 -16.71 -17.71
C GLY A 344 -8.18 -15.70 -18.84
N PHE A 345 -6.98 -15.50 -19.37
CA PHE A 345 -6.80 -14.48 -20.38
C PHE A 345 -6.80 -15.03 -21.81
N SER A 346 -7.46 -14.30 -22.69
CA SER A 346 -7.37 -14.57 -24.13
C SER A 346 -7.66 -13.29 -24.90
N LYS A 347 -7.07 -13.19 -26.09
CA LYS A 347 -7.36 -12.06 -26.97
C LYS A 347 -8.78 -12.18 -27.55
N ASP A 348 -9.33 -13.38 -27.49
CA ASP A 348 -10.61 -13.66 -28.16
C ASP A 348 -11.84 -13.58 -27.25
N ASN A 349 -11.65 -13.32 -25.95
CA ASN A 349 -12.78 -12.89 -25.11
C ASN A 349 -12.39 -11.70 -24.24
N GLU A 350 -13.30 -11.28 -23.37
CA GLU A 350 -13.11 -10.06 -22.60
C GLU A 350 -12.13 -10.25 -21.45
N SER A 351 -11.69 -11.48 -21.24
CA SER A 351 -10.75 -11.79 -20.16
C SER A 351 -11.22 -11.26 -18.79
N LEU A 352 -12.52 -11.37 -18.51
CA LEU A 352 -13.06 -10.94 -17.23
C LEU A 352 -12.83 -12.01 -16.16
N ILE A 353 -11.75 -11.86 -15.39
CA ILE A 353 -11.27 -12.91 -14.51
C ILE A 353 -11.85 -12.90 -13.08
N SER A 354 -11.70 -14.03 -12.40
CA SER A 354 -12.16 -14.20 -11.05
C SER A 354 -11.03 -13.88 -10.07
N ARG A 355 -11.40 -13.47 -8.87
CA ARG A 355 -10.43 -13.14 -7.85
C ARG A 355 -9.38 -14.24 -7.68
N ALA A 356 -9.81 -15.50 -7.74
CA ALA A 356 -8.86 -16.61 -7.63
C ALA A 356 -7.89 -16.64 -8.81
N GLU A 357 -8.38 -16.29 -10.00
CA GLU A 357 -7.52 -16.20 -11.20
C GLU A 357 -6.53 -15.05 -11.05
N PHE A 358 -7.02 -13.92 -10.55
CA PHE A 358 -6.18 -12.77 -10.25
C PHE A 358 -5.05 -13.16 -9.29
N LEU A 359 -5.40 -13.86 -8.21
CA LEU A 359 -4.43 -14.32 -7.22
C LEU A 359 -3.37 -15.21 -7.85
N ALA A 360 -3.80 -16.10 -8.73
CA ALA A 360 -2.85 -16.99 -9.41
C ALA A 360 -2.06 -16.22 -10.47
N GLY A 361 -2.72 -15.24 -11.09
CA GLY A 361 -2.08 -14.39 -12.08
C GLY A 361 -0.88 -13.68 -11.49
N VAL A 362 -1.05 -13.18 -10.26
CA VAL A 362 0.00 -12.45 -9.59
C VAL A 362 1.29 -13.26 -9.39
N ARG A 363 1.21 -14.56 -9.07
CA ARG A 363 2.43 -15.34 -8.89
C ARG A 363 3.09 -15.61 -10.24
N VAL A 364 2.30 -15.48 -11.31
CA VAL A 364 2.80 -15.66 -12.67
C VAL A 364 3.47 -14.39 -13.23
N GLY A 365 2.88 -13.24 -12.93
CA GLY A 365 3.42 -11.96 -13.40
C GLY A 365 4.45 -11.36 -12.44
N VAL A 366 4.62 -11.98 -11.29
CA VAL A 366 5.64 -11.56 -10.34
C VAL A 366 6.34 -12.81 -9.84
N PRO A 367 7.12 -13.45 -10.72
CA PRO A 367 7.68 -14.78 -10.41
C PRO A 367 8.83 -14.74 -9.42
N GLN A 368 8.95 -15.84 -8.68
CA GLN A 368 10.09 -16.08 -7.79
C GLN A 368 10.25 -15.06 -6.66
N VAL A 369 9.13 -14.51 -6.18
CA VAL A 369 9.17 -13.73 -4.95
C VAL A 369 8.47 -14.49 -3.83
N SER A 370 8.72 -14.10 -2.60
CA SER A 370 8.13 -14.82 -1.47
C SER A 370 6.61 -14.65 -1.39
N ASP A 371 5.95 -15.55 -0.64
CA ASP A 371 4.53 -15.42 -0.36
C ASP A 371 4.21 -14.05 0.22
N LEU A 372 5.04 -13.60 1.16
CA LEU A 372 4.80 -12.34 1.82
C LEU A 372 4.87 -11.20 0.78
N ALA A 373 5.78 -11.31 -0.17
CA ALA A 373 5.92 -10.33 -1.23
C ALA A 373 4.68 -10.30 -2.12
N ALA A 374 4.18 -11.49 -2.45
CA ALA A 374 3.01 -11.57 -3.30
C ALA A 374 1.79 -10.98 -2.60
N GLU A 375 1.66 -11.25 -1.30
CA GLU A 375 0.60 -10.67 -0.48
C GLU A 375 0.62 -9.16 -0.52
N ALA A 376 1.80 -8.58 -0.29
CA ALA A 376 1.95 -7.13 -0.41
C ALA A 376 1.47 -6.59 -1.77
N VAL A 377 1.67 -7.39 -2.82
CA VAL A 377 1.24 -6.97 -4.15
C VAL A 377 -0.29 -6.95 -4.22
N VAL A 378 -0.90 -8.05 -3.80
CA VAL A 378 -2.36 -8.14 -3.78
C VAL A 378 -3.02 -7.05 -2.92
N LEU A 379 -2.37 -6.69 -1.82
CA LEU A 379 -2.85 -5.60 -0.97
C LEU A 379 -2.89 -4.27 -1.68
N HIS A 380 -1.77 -3.92 -2.33
N HIS A 380 -1.79 -3.92 -2.37
CA HIS A 380 -1.67 -2.64 -3.01
CA HIS A 380 -1.70 -2.61 -3.01
C HIS A 380 -2.67 -2.58 -4.17
C HIS A 380 -2.50 -2.53 -4.30
N TYR A 381 -2.78 -3.67 -4.92
CA TYR A 381 -3.54 -3.65 -6.18
C TYR A 381 -5.00 -4.11 -6.04
N THR A 382 -5.43 -4.48 -4.85
CA THR A 382 -6.84 -4.75 -4.66
C THR A 382 -7.57 -3.47 -4.33
N ASP A 383 -8.74 -3.26 -4.93
CA ASP A 383 -9.67 -2.23 -4.44
C ASP A 383 -10.59 -2.89 -3.40
N TRP A 384 -10.40 -2.56 -2.14
CA TRP A 384 -11.07 -3.34 -1.10
C TRP A 384 -12.56 -2.99 -0.94
N LEU A 385 -13.04 -2.02 -1.71
CA LEU A 385 -14.47 -1.81 -1.90
C LEU A 385 -15.05 -2.69 -3.03
N HIS A 386 -14.18 -3.18 -3.91
CA HIS A 386 -14.61 -4.01 -5.04
C HIS A 386 -13.62 -5.12 -5.28
N PRO A 387 -13.46 -5.99 -4.28
CA PRO A 387 -12.34 -6.94 -4.33
C PRO A 387 -12.48 -8.02 -5.38
N GLU A 388 -13.66 -8.12 -5.99
CA GLU A 388 -13.98 -9.30 -6.80
C GLU A 388 -14.57 -8.99 -8.15
N ASP A 389 -14.63 -7.70 -8.50
CA ASP A 389 -15.12 -7.26 -9.79
C ASP A 389 -14.15 -7.64 -10.95
N PRO A 390 -14.59 -8.51 -11.86
CA PRO A 390 -13.78 -9.02 -12.98
C PRO A 390 -13.03 -7.96 -13.77
N ALA A 391 -13.72 -6.94 -14.27
CA ALA A 391 -13.08 -5.90 -15.05
C ALA A 391 -11.93 -5.21 -14.31
N ARG A 392 -12.16 -4.87 -13.04
CA ARG A 392 -11.14 -4.22 -12.24
C ARG A 392 -9.97 -5.15 -12.00
N LEU A 393 -10.25 -6.44 -11.89
CA LEU A 393 -9.21 -7.42 -11.66
C LEU A 393 -8.29 -7.56 -12.88
N ARG A 394 -8.92 -7.55 -14.06
CA ARG A 394 -8.20 -7.66 -15.32
C ARG A 394 -7.25 -6.46 -15.47
N GLU A 395 -7.80 -5.27 -15.20
CA GLU A 395 -7.02 -4.03 -15.27
C GLU A 395 -5.95 -4.02 -14.19
N ALA A 396 -6.23 -4.58 -13.03
CA ALA A 396 -5.25 -4.52 -11.92
C ALA A 396 -4.11 -5.50 -12.16
N LEU A 397 -4.38 -6.63 -12.80
CA LEU A 397 -3.31 -7.59 -13.07
C LEU A 397 -2.40 -7.05 -14.20
N SER A 398 -3.02 -6.35 -15.14
CA SER A 398 -2.32 -5.64 -16.18
C SER A 398 -1.39 -4.58 -15.57
N ASP A 399 -1.92 -3.77 -14.65
CA ASP A 399 -1.08 -2.86 -13.87
C ASP A 399 0.05 -3.58 -13.12
N VAL A 400 -0.24 -4.71 -12.50
CA VAL A 400 0.82 -5.40 -11.78
C VAL A 400 2.01 -5.77 -12.70
N VAL A 401 1.70 -6.41 -13.83
CA VAL A 401 2.72 -6.89 -14.75
C VAL A 401 3.47 -5.72 -15.40
N GLY A 402 2.73 -4.77 -15.94
CA GLY A 402 3.27 -3.55 -16.51
C GLY A 402 4.14 -2.74 -15.56
N ASP A 403 3.73 -2.64 -14.28
CA ASP A 403 4.45 -1.76 -13.34
C ASP A 403 5.73 -2.41 -12.92
N HIS A 404 5.62 -3.68 -12.55
CA HIS A 404 6.75 -4.47 -12.08
C HIS A 404 7.85 -4.56 -13.15
N ASN A 405 7.43 -4.87 -14.36
CA ASN A 405 8.38 -5.16 -15.44
C ASN A 405 8.85 -3.97 -16.26
N VAL A 406 8.03 -2.95 -16.46
CA VAL A 406 8.40 -1.86 -17.37
C VAL A 406 8.34 -0.46 -16.79
N VAL A 407 7.15 -0.02 -16.38
CA VAL A 407 6.95 1.35 -15.91
C VAL A 407 7.83 1.73 -14.71
N CYS A 408 7.91 0.89 -13.70
CA CYS A 408 8.64 1.30 -12.49
C CYS A 408 10.15 1.18 -12.67
N PRO A 409 10.63 0.14 -13.39
CA PRO A 409 12.06 0.23 -13.71
C PRO A 409 12.42 1.47 -14.56
N VAL A 410 11.57 1.87 -15.51
CA VAL A 410 11.84 3.05 -16.33
C VAL A 410 11.77 4.30 -15.44
N ALA A 411 10.79 4.33 -14.54
CA ALA A 411 10.67 5.47 -13.63
C ALA A 411 11.89 5.63 -12.72
N GLN A 412 12.36 4.52 -12.18
CA GLN A 412 13.55 4.54 -11.35
C GLN A 412 14.77 5.04 -12.12
N LEU A 413 14.94 4.54 -13.35
CA LEU A 413 16.05 4.98 -14.20
C LEU A 413 16.02 6.48 -14.46
N ALA A 414 14.84 6.99 -14.78
CA ALA A 414 14.71 8.39 -15.14
C ALA A 414 15.01 9.31 -13.93
N GLY A 415 14.51 8.91 -12.76
CA GLY A 415 14.71 9.68 -11.55
C GLY A 415 16.15 9.71 -11.11
N ARG A 416 16.83 8.58 -11.18
CA ARG A 416 18.21 8.54 -10.73
C ARG A 416 19.14 9.24 -11.73
N LEU A 417 18.83 9.15 -13.03
CA LEU A 417 19.64 9.83 -14.03
C LEU A 417 19.50 11.34 -13.93
N ALA A 418 18.27 11.81 -13.76
CA ALA A 418 18.01 13.24 -13.65
C ALA A 418 18.64 13.80 -12.37
N ALA A 419 18.61 13.02 -11.31
CA ALA A 419 19.13 13.49 -10.02
C ALA A 419 20.64 13.45 -9.99
N GLN A 420 21.24 12.72 -10.93
CA GLN A 420 22.69 12.57 -10.97
C GLN A 420 23.29 13.21 -12.21
N GLY A 421 22.59 14.22 -12.74
CA GLY A 421 23.17 15.08 -13.76
C GLY A 421 22.64 15.01 -15.17
N ALA A 422 21.84 13.99 -15.51
CA ALA A 422 21.40 13.83 -16.89
C ALA A 422 20.20 14.75 -17.19
N ARG A 423 20.02 15.12 -18.44
CA ARG A 423 18.77 15.77 -18.82
C ARG A 423 17.82 14.74 -19.43
N VAL A 424 16.65 14.57 -18.81
CA VAL A 424 15.76 13.46 -19.13
C VAL A 424 14.42 13.96 -19.68
N TYR A 425 13.95 13.37 -20.77
CA TYR A 425 12.58 13.63 -21.20
C TYR A 425 11.78 12.32 -21.13
N ALA A 426 10.58 12.41 -20.57
CA ALA A 426 9.71 11.25 -20.36
C ALA A 426 8.39 11.38 -21.12
N TYR A 427 7.89 10.28 -21.67
CA TYR A 427 6.59 10.28 -22.34
C TYR A 427 5.75 9.08 -21.89
N VAL A 428 4.44 9.23 -22.00
CA VAL A 428 3.55 8.09 -22.04
C VAL A 428 2.85 8.11 -23.40
N PHE A 429 2.93 7.01 -24.13
CA PHE A 429 2.35 6.93 -25.47
C PHE A 429 0.92 6.40 -25.36
N GLU A 430 -0.04 7.22 -25.75
CA GLU A 430 -1.44 6.93 -25.39
C GLU A 430 -2.38 6.80 -26.58
N HIS A 431 -1.85 6.54 -27.76
CA HIS A 431 -2.73 6.44 -28.93
C HIS A 431 -2.90 5.01 -29.39
N ARG A 432 -4.14 4.56 -29.43
CA ARG A 432 -4.46 3.26 -29.94
C ARG A 432 -4.60 3.32 -31.47
N ALA A 433 -3.74 2.60 -32.18
CA ALA A 433 -3.74 2.63 -33.64
C ALA A 433 -5.08 2.16 -34.17
N SER A 434 -5.64 2.92 -35.12
CA SER A 434 -6.87 2.55 -35.80
C SER A 434 -6.78 1.16 -36.42
N THR A 435 -5.57 0.72 -36.74
CA THR A 435 -5.35 -0.58 -37.36
C THR A 435 -5.05 -1.71 -36.36
N LEU A 436 -5.11 -1.41 -35.07
CA LEU A 436 -4.74 -2.41 -34.06
C LEU A 436 -5.64 -3.65 -34.05
N SER A 437 -5.01 -4.81 -34.09
CA SER A 437 -5.74 -6.05 -34.27
C SER A 437 -5.97 -6.83 -32.97
N TRP A 438 -5.32 -6.41 -31.88
CA TRP A 438 -5.60 -6.92 -30.55
C TRP A 438 -6.91 -6.31 -30.04
N PRO A 439 -7.60 -7.00 -29.10
CA PRO A 439 -8.90 -6.55 -28.61
C PRO A 439 -8.86 -5.21 -27.87
N LEU A 440 -10.02 -4.56 -27.77
CA LEU A 440 -10.14 -3.28 -27.11
C LEU A 440 -9.63 -3.26 -25.68
N TRP A 441 -9.85 -4.35 -24.92
CA TRP A 441 -9.52 -4.34 -23.49
C TRP A 441 -8.01 -4.22 -23.25
N MET A 442 -7.22 -4.62 -24.23
CA MET A 442 -5.77 -4.50 -24.14
C MET A 442 -5.26 -3.06 -24.20
N GLY A 443 -6.12 -2.15 -24.65
CA GLY A 443 -5.78 -0.73 -24.68
C GLY A 443 -4.65 -0.41 -25.66
N VAL A 444 -3.64 0.33 -25.18
CA VAL A 444 -2.44 0.60 -25.98
C VAL A 444 -1.32 -0.37 -25.56
N PRO A 445 -1.16 -1.48 -26.28
CA PRO A 445 -0.26 -2.49 -25.73
C PRO A 445 1.21 -2.24 -26.01
N HIS A 446 2.03 -3.05 -25.35
CA HIS A 446 3.46 -3.01 -25.47
C HIS A 446 3.93 -3.16 -26.91
N GLY A 447 4.79 -2.24 -27.35
CA GLY A 447 5.34 -2.32 -28.67
C GLY A 447 4.56 -1.58 -29.74
N TYR A 448 3.43 -0.94 -29.42
CA TYR A 448 2.65 -0.35 -30.52
C TYR A 448 2.82 1.15 -30.66
N GLU A 449 3.88 1.68 -30.05
CA GLU A 449 4.35 3.01 -30.41
C GLU A 449 5.42 2.95 -31.52
N ILE A 450 6.12 1.81 -31.65
CA ILE A 450 7.22 1.70 -32.62
C ILE A 450 6.81 2.08 -34.06
N GLU A 451 5.69 1.54 -34.52
CA GLU A 451 5.28 1.80 -35.91
C GLU A 451 5.06 3.30 -36.16
N PHE A 452 4.71 4.05 -35.12
CA PHE A 452 4.56 5.51 -35.24
C PHE A 452 5.91 6.23 -35.27
N ILE A 453 6.83 5.81 -34.42
CA ILE A 453 8.17 6.40 -34.39
C ILE A 453 8.86 6.22 -35.75
N PHE A 454 8.73 5.04 -36.34
CA PHE A 454 9.29 4.77 -37.67
C PHE A 454 8.40 5.29 -38.83
N GLY A 455 7.29 5.92 -38.50
CA GLY A 455 6.49 6.57 -39.54
C GLY A 455 5.86 5.60 -40.52
N ILE A 456 5.63 4.36 -40.10
CA ILE A 456 4.93 3.38 -40.92
C ILE A 456 3.54 3.85 -41.41
N PRO A 457 2.83 4.67 -40.62
CA PRO A 457 1.56 5.11 -41.21
C PRO A 457 1.66 5.85 -42.55
N LEU A 458 2.84 6.35 -42.92
CA LEU A 458 3.00 7.06 -44.18
C LEU A 458 2.93 6.11 -45.39
N ASP A 459 3.11 4.81 -45.14
CA ASP A 459 2.96 3.82 -46.21
C ASP A 459 1.52 3.79 -46.71
N PRO A 460 1.30 4.16 -47.99
CA PRO A 460 -0.08 4.25 -48.50
C PRO A 460 -0.77 2.88 -48.54
N SER A 461 -0.03 1.83 -48.88
CA SER A 461 -0.57 0.49 -48.87
C SER A 461 -1.12 0.02 -47.52
N ARG A 462 -0.91 0.79 -46.45
CA ARG A 462 -1.50 0.47 -45.15
C ARG A 462 -2.63 1.44 -44.87
N ASN A 463 -3.36 1.23 -43.78
CA ASN A 463 -4.68 1.86 -43.68
C ASN A 463 -4.87 2.88 -42.55
N TYR A 464 -3.80 3.60 -42.20
CA TYR A 464 -3.90 4.56 -41.11
C TYR A 464 -4.70 5.79 -41.58
N THR A 465 -5.25 6.54 -40.64
CA THR A 465 -5.99 7.74 -41.00
C THR A 465 -5.07 8.89 -41.35
N ALA A 466 -5.65 9.95 -41.90
CA ALA A 466 -4.89 11.15 -42.19
C ALA A 466 -4.28 11.71 -40.90
N GLU A 467 -5.03 11.67 -39.80
CA GLU A 467 -4.56 12.21 -38.52
C GLU A 467 -3.43 11.40 -37.91
N GLU A 468 -3.44 10.10 -38.15
CA GLU A 468 -2.39 9.24 -37.66
C GLU A 468 -1.06 9.52 -38.39
N LYS A 469 -1.15 9.96 -39.64
CA LYS A 469 0.04 10.29 -40.43
C LYS A 469 0.67 11.59 -39.93
N ILE A 470 -0.17 12.56 -39.64
CA ILE A 470 0.30 13.80 -39.07
C ILE A 470 0.96 13.53 -37.70
N PHE A 471 0.41 12.55 -36.98
CA PHE A 471 0.92 12.13 -35.69
C PHE A 471 2.30 11.47 -35.80
N ALA A 472 2.39 10.49 -36.67
CA ALA A 472 3.67 9.85 -36.96
C ALA A 472 4.73 10.92 -37.24
N GLN A 473 4.37 11.93 -38.03
CA GLN A 473 5.33 12.95 -38.44
C GLN A 473 5.80 13.78 -37.26
N ARG A 474 4.88 14.09 -36.34
CA ARG A 474 5.24 14.71 -35.06
C ARG A 474 6.24 13.88 -34.25
N LEU A 475 5.98 12.58 -34.15
CA LEU A 475 6.81 11.72 -33.33
C LEU A 475 8.22 11.65 -33.96
N MET A 476 8.24 11.47 -35.28
CA MET A 476 9.50 11.42 -36.01
C MET A 476 10.31 12.69 -35.83
N ARG A 477 9.61 13.82 -35.74
CA ARG A 477 10.26 15.12 -35.50
C ARG A 477 10.83 15.21 -34.08
N TYR A 478 10.06 14.79 -33.07
CA TYR A 478 10.54 14.80 -31.68
C TYR A 478 11.83 13.96 -31.57
N TRP A 479 11.77 12.72 -32.07
CA TRP A 479 12.90 11.79 -32.00
C TRP A 479 14.15 12.31 -32.73
N ALA A 480 13.97 12.87 -33.92
CA ALA A 480 15.11 13.37 -34.70
C ALA A 480 15.64 14.68 -34.11
N ASN A 481 14.73 15.50 -33.55
CA ASN A 481 15.17 16.68 -32.82
C ASN A 481 16.09 16.27 -31.69
N PHE A 482 15.68 15.21 -30.98
CA PHE A 482 16.42 14.77 -29.81
C PHE A 482 17.78 14.25 -30.25
N ALA A 483 17.81 13.48 -31.34
CA ALA A 483 19.07 12.98 -31.87
C ALA A 483 20.02 14.11 -32.31
N ARG A 484 19.49 15.17 -32.89
CA ARG A 484 20.30 16.29 -33.35
C ARG A 484 20.80 17.18 -32.20
N THR A 485 19.94 17.46 -31.21
CA THR A 485 20.23 18.47 -30.20
C THR A 485 20.15 18.02 -28.73
N GLY A 486 19.66 16.82 -28.46
CA GLY A 486 19.46 16.39 -27.08
C GLY A 486 18.18 16.98 -26.50
N ASP A 487 17.31 17.48 -27.36
CA ASP A 487 16.11 18.17 -26.91
C ASP A 487 15.02 17.96 -28.00
N PRO A 488 13.95 17.22 -27.66
CA PRO A 488 12.93 16.89 -28.66
C PRO A 488 12.09 18.09 -29.07
N ASN A 489 12.08 19.15 -28.26
CA ASN A 489 11.20 20.29 -28.48
C ASN A 489 11.37 21.01 -29.83
N GLU A 490 10.24 21.35 -30.43
CA GLU A 490 10.14 22.23 -31.59
C GLU A 490 10.10 23.68 -31.05
N PRO A 491 10.49 24.70 -31.88
CA PRO A 491 10.41 26.10 -31.41
C PRO A 491 9.08 26.53 -30.76
N ARG A 492 9.14 27.44 -29.80
CA ARG A 492 7.96 27.90 -29.05
C ARG A 492 6.84 28.39 -29.98
N ASP A 493 5.62 27.91 -29.72
CA ASP A 493 4.47 28.21 -30.57
C ASP A 493 3.61 29.33 -29.98
N PRO A 497 3.10 24.00 -27.44
CA PRO A 497 3.31 23.70 -26.01
C PRO A 497 4.54 22.83 -25.79
N GLN A 498 5.30 23.12 -24.73
CA GLN A 498 6.65 22.58 -24.58
C GLN A 498 6.76 21.34 -23.69
N TRP A 499 7.73 20.51 -24.05
CA TRP A 499 8.03 19.26 -23.38
C TRP A 499 9.12 19.49 -22.35
N PRO A 500 8.75 19.59 -21.07
CA PRO A 500 9.77 19.91 -20.06
C PRO A 500 10.59 18.69 -19.68
N PRO A 501 11.82 18.91 -19.25
CA PRO A 501 12.64 17.83 -18.67
C PRO A 501 11.96 17.12 -17.48
N TYR A 502 12.25 15.83 -17.35
CA TYR A 502 11.79 15.03 -16.20
C TYR A 502 12.76 15.18 -15.04
N THR A 503 12.23 15.43 -13.85
CA THR A 503 13.08 15.53 -12.65
C THR A 503 12.55 14.67 -11.49
N ALA A 504 13.42 14.28 -10.57
CA ALA A 504 13.00 13.36 -9.49
C ALA A 504 11.89 13.96 -8.62
N GLY A 505 11.88 15.28 -8.51
CA GLY A 505 10.85 15.97 -7.75
C GLY A 505 9.57 16.20 -8.52
N ALA A 506 9.62 17.03 -9.56
CA ALA A 506 8.37 17.39 -10.22
C ALA A 506 7.83 16.21 -11.03
N GLN A 507 8.72 15.32 -11.46
CA GLN A 507 8.33 14.10 -12.19
C GLN A 507 7.45 14.35 -13.42
N GLN A 508 7.76 15.38 -14.20
CA GLN A 508 6.91 15.72 -15.34
C GLN A 508 7.22 14.91 -16.61
N TYR A 509 6.15 14.57 -17.33
CA TYR A 509 6.24 13.84 -18.58
C TYR A 509 5.12 14.34 -19.48
N VAL A 510 5.13 13.95 -20.76
CA VAL A 510 4.05 14.34 -21.67
C VAL A 510 3.31 13.15 -22.25
N SER A 511 2.06 13.39 -22.58
CA SER A 511 1.23 12.39 -23.21
C SER A 511 1.42 12.50 -24.72
N LEU A 512 1.66 11.39 -25.38
CA LEU A 512 1.79 11.39 -26.81
C LEU A 512 0.54 10.75 -27.40
N ASP A 513 -0.28 11.55 -28.09
CA ASP A 513 -1.48 11.06 -28.77
C ASP A 513 -1.92 12.12 -29.78
N LEU A 514 -3.11 11.99 -30.35
CA LEU A 514 -3.54 12.89 -31.43
C LEU A 514 -3.69 14.34 -30.99
N ARG A 515 -3.92 14.53 -29.69
CA ARG A 515 -4.02 15.87 -29.12
C ARG A 515 -2.64 16.51 -28.95
N PRO A 516 -2.58 17.84 -28.85
CA PRO A 516 -1.28 18.45 -28.50
C PRO A 516 -0.72 17.92 -27.17
N LEU A 517 0.59 18.05 -27.02
CA LEU A 517 1.28 17.65 -25.81
C LEU A 517 0.56 18.17 -24.57
N GLU A 518 0.36 17.27 -23.62
CA GLU A 518 -0.21 17.63 -22.32
C GLU A 518 0.82 17.23 -21.28
N VAL A 519 1.12 18.14 -20.36
CA VAL A 519 2.10 17.87 -19.31
C VAL A 519 1.42 17.27 -18.06
N ARG A 520 2.01 16.21 -17.52
CA ARG A 520 1.48 15.53 -16.35
C ARG A 520 2.60 15.19 -15.39
N ARG A 521 2.22 14.78 -14.18
CA ARG A 521 3.16 14.46 -13.09
C ARG A 521 3.07 13.00 -12.65
N GLY A 522 4.22 12.35 -12.56
CA GLY A 522 4.28 11.03 -11.97
C GLY A 522 4.06 9.88 -12.94
N LEU A 523 5.10 9.09 -13.14
CA LEU A 523 4.98 7.81 -13.83
C LEU A 523 4.47 6.79 -12.84
N ARG A 524 3.16 6.76 -12.61
CA ARG A 524 2.58 5.85 -11.64
CA ARG A 524 2.56 5.88 -11.63
C ARG A 524 3.35 5.91 -10.31
N ALA A 525 3.49 7.12 -9.77
CA ALA A 525 4.30 7.38 -8.57
C ALA A 525 3.90 6.54 -7.36
N GLN A 526 2.60 6.40 -7.10
CA GLN A 526 2.15 5.64 -5.95
C GLN A 526 2.54 4.18 -6.11
N ALA A 527 2.16 3.61 -7.24
CA ALA A 527 2.52 2.22 -7.53
C ALA A 527 4.03 2.01 -7.54
N CYS A 528 4.79 2.95 -8.06
CA CYS A 528 6.21 2.67 -8.19
C CYS A 528 6.97 2.83 -6.87
N ALA A 529 6.45 3.63 -5.95
CA ALA A 529 7.02 3.66 -4.60
C ALA A 529 6.99 2.26 -4.05
N PHE A 530 5.93 1.52 -4.34
CA PHE A 530 5.83 0.17 -3.80
C PHE A 530 6.99 -0.71 -4.31
N TRP A 531 7.11 -0.80 -5.63
CA TRP A 531 8.13 -1.61 -6.29
C TRP A 531 9.55 -1.08 -6.12
N ASN A 532 9.70 0.24 -6.13
CA ASN A 532 11.04 0.80 -6.12
C ASN A 532 11.52 1.08 -4.68
N ARG A 533 10.61 1.41 -3.77
CA ARG A 533 11.05 1.76 -2.42
C ARG A 533 10.80 0.67 -1.38
N PHE A 534 9.59 0.15 -1.31
CA PHE A 534 9.26 -0.81 -0.26
C PHE A 534 9.74 -2.25 -0.53
N LEU A 535 9.36 -2.81 -1.67
CA LEU A 535 9.62 -4.23 -1.94
C LEU A 535 11.10 -4.68 -1.84
N PRO A 536 12.08 -3.84 -2.22
CA PRO A 536 13.44 -4.30 -1.95
C PRO A 536 13.74 -4.45 -0.44
N LYS A 537 13.23 -3.53 0.37
CA LYS A 537 13.46 -3.58 1.83
C LYS A 537 12.98 -4.90 2.40
N LEU A 538 11.86 -5.37 1.85
CA LEU A 538 11.17 -6.57 2.31
C LEU A 538 11.98 -7.82 2.03
N LEU A 539 12.37 -7.99 0.77
CA LEU A 539 13.16 -9.16 0.34
C LEU A 539 14.49 -9.25 1.10
N SER A 540 15.16 -8.12 1.32
CA SER A 540 16.36 -8.06 2.15
C SER A 540 16.10 -8.62 3.54
N ALA A 541 15.41 -7.82 4.36
CA ALA A 541 15.02 -8.20 5.70
C ALA A 541 13.89 -9.25 5.69
N GLU B 3 -41.19 12.58 53.77
CA GLU B 3 -40.37 11.90 52.77
C GLU B 3 -41.17 11.64 51.46
N ASP B 4 -40.47 11.62 50.33
CA ASP B 4 -41.11 11.43 49.01
C ASP B 4 -40.91 10.00 48.52
N ALA B 5 -42.03 9.35 48.22
CA ALA B 5 -42.05 7.94 47.84
C ALA B 5 -41.20 7.60 46.61
N GLU B 6 -41.16 8.49 45.62
CA GLU B 6 -40.45 8.21 44.37
C GLU B 6 -38.94 8.09 44.57
N LEU B 7 -38.42 8.74 45.61
CA LEU B 7 -36.99 8.75 45.88
C LEU B 7 -36.55 7.70 46.89
N LEU B 8 -37.45 6.78 47.23
CA LEU B 8 -37.12 5.68 48.13
C LEU B 8 -37.16 4.36 47.38
N VAL B 9 -36.08 3.60 47.47
CA VAL B 9 -36.02 2.32 46.79
C VAL B 9 -35.33 1.33 47.69
N THR B 10 -35.77 0.08 47.63
CA THR B 10 -35.12 -0.99 48.35
C THR B 10 -34.44 -1.93 47.38
N VAL B 11 -33.15 -2.14 47.59
CA VAL B 11 -32.42 -3.07 46.73
C VAL B 11 -31.93 -4.13 47.67
N ARG B 12 -31.35 -5.22 47.15
CA ARG B 12 -31.05 -6.37 47.99
C ARG B 12 -30.15 -6.08 49.19
N GLY B 13 -29.43 -4.97 49.18
CA GLY B 13 -28.48 -4.69 50.24
C GLY B 13 -29.06 -3.88 51.38
N GLY B 14 -30.21 -3.25 51.14
CA GLY B 14 -30.77 -2.32 52.08
C GLY B 14 -31.56 -1.26 51.35
N ARG B 15 -31.85 -0.17 52.06
CA ARG B 15 -32.70 0.89 51.57
C ARG B 15 -31.86 2.07 51.05
N LEU B 16 -32.37 2.72 50.01
CA LEU B 16 -31.70 3.87 49.37
C LEU B 16 -32.61 5.08 49.33
N ARG B 17 -32.00 6.25 49.40
CA ARG B 17 -32.70 7.51 49.22
C ARG B 17 -31.99 8.26 48.11
N GLY B 18 -32.75 8.82 47.18
CA GLY B 18 -32.17 9.52 46.05
C GLY B 18 -32.59 10.97 45.98
N ILE B 19 -32.44 11.53 44.79
CA ILE B 19 -32.66 12.95 44.62
C ILE B 19 -33.47 13.20 43.35
N ARG B 20 -34.23 14.29 43.33
CA ARG B 20 -35.01 14.64 42.15
C ARG B 20 -34.27 15.69 41.33
N LEU B 21 -33.98 15.36 40.07
CA LEU B 21 -33.23 16.25 39.18
C LEU B 21 -34.16 17.03 38.28
N LYS B 22 -33.88 18.32 38.11
CA LYS B 22 -34.59 19.14 37.12
C LYS B 22 -33.93 19.02 35.76
N THR B 23 -34.75 18.83 34.73
CA THR B 23 -34.29 18.93 33.34
C THR B 23 -35.20 19.88 32.59
N PRO B 24 -34.71 20.44 31.47
CA PRO B 24 -35.55 21.23 30.58
C PRO B 24 -36.91 20.58 30.29
N GLY B 25 -36.93 19.28 30.04
CA GLY B 25 -38.17 18.61 29.71
C GLY B 25 -38.95 18.05 30.90
N GLY B 26 -38.47 18.28 32.12
CA GLY B 26 -39.16 17.71 33.29
C GLY B 26 -38.27 16.97 34.28
N PRO B 27 -38.86 16.49 35.38
CA PRO B 27 -38.11 15.85 36.47
C PRO B 27 -37.66 14.41 36.20
N VAL B 28 -36.51 14.06 36.79
CA VAL B 28 -35.95 12.73 36.71
C VAL B 28 -35.58 12.28 38.13
N SER B 29 -35.63 10.97 38.40
CA SER B 29 -35.11 10.46 39.68
C SER B 29 -33.70 9.94 39.51
N ALA B 30 -32.77 10.43 40.33
CA ALA B 30 -31.40 9.93 40.31
C ALA B 30 -30.98 9.34 41.66
N PHE B 31 -30.34 8.18 41.60
CA PHE B 31 -29.69 7.57 42.72
C PHE B 31 -28.19 7.48 42.43
N LEU B 32 -27.45 8.47 42.93
CA LEU B 32 -26.04 8.63 42.63
C LEU B 32 -25.21 8.14 43.79
N GLY B 33 -24.12 7.44 43.50
CA GLY B 33 -23.24 7.00 44.56
C GLY B 33 -23.78 5.86 45.39
N ILE B 34 -24.24 4.81 44.72
CA ILE B 34 -24.65 3.57 45.37
C ILE B 34 -23.48 2.60 45.49
N PRO B 35 -23.15 2.15 46.72
CA PRO B 35 -22.05 1.20 46.87
C PRO B 35 -22.42 -0.15 46.24
N PHE B 36 -21.54 -0.76 45.46
CA PHE B 36 -21.87 -2.07 44.88
C PHE B 36 -20.76 -3.05 45.21
N ALA B 37 -19.72 -2.53 45.87
CA ALA B 37 -18.60 -3.34 46.31
C ALA B 37 -18.05 -2.82 47.64
N GLU B 38 -17.45 -3.71 48.43
CA GLU B 38 -16.69 -3.29 49.59
C GLU B 38 -15.51 -2.46 49.08
N PRO B 39 -15.19 -1.37 49.79
CA PRO B 39 -14.08 -0.54 49.35
C PRO B 39 -12.79 -1.34 49.16
N PRO B 40 -12.25 -1.38 47.94
CA PRO B 40 -11.05 -2.16 47.68
C PRO B 40 -9.81 -1.49 48.26
N MET B 41 -9.78 -1.43 49.59
CA MET B 41 -8.81 -0.69 50.41
C MET B 41 -7.80 -1.61 51.09
N GLY B 42 -6.61 -1.08 51.36
CA GLY B 42 -5.65 -1.77 52.21
C GLY B 42 -5.32 -3.17 51.72
N PRO B 43 -5.72 -4.20 52.49
CA PRO B 43 -5.53 -5.59 52.06
C PRO B 43 -6.25 -5.92 50.73
N ARG B 44 -7.29 -5.17 50.39
CA ARG B 44 -8.11 -5.48 49.22
C ARG B 44 -7.63 -4.80 47.91
N ARG B 45 -6.56 -4.02 48.00
CA ARG B 45 -5.94 -3.44 46.80
C ARG B 45 -5.41 -4.56 45.86
N PHE B 46 -5.71 -4.42 44.57
CA PHE B 46 -5.36 -5.39 43.50
C PHE B 46 -6.21 -6.67 43.54
N LEU B 47 -7.13 -6.79 44.50
CA LEU B 47 -7.97 -7.99 44.55
C LEU B 47 -9.27 -7.80 43.78
N PRO B 48 -9.91 -8.91 43.38
CA PRO B 48 -11.26 -8.85 42.82
C PRO B 48 -12.21 -8.13 43.77
N PRO B 49 -13.22 -7.43 43.23
CA PRO B 49 -14.15 -6.72 44.10
C PRO B 49 -15.00 -7.70 44.90
N GLU B 50 -15.27 -7.38 46.17
CA GLU B 50 -16.20 -8.16 46.98
C GLU B 50 -17.57 -7.50 46.89
N PRO B 51 -18.63 -8.29 46.79
CA PRO B 51 -19.96 -7.67 46.83
C PRO B 51 -20.19 -6.88 48.13
N LYS B 52 -20.82 -5.71 48.01
CA LYS B 52 -21.15 -4.86 49.14
C LYS B 52 -22.04 -5.60 50.16
N GLN B 53 -21.60 -5.68 51.41
CA GLN B 53 -22.40 -6.32 52.48
C GLN B 53 -23.68 -5.53 52.74
N PRO B 54 -24.79 -6.23 53.00
CA PRO B 54 -26.04 -5.55 53.36
C PRO B 54 -25.90 -4.56 54.53
N TRP B 55 -26.74 -3.53 54.55
CA TRP B 55 -26.68 -2.44 55.52
C TRP B 55 -28.06 -2.16 56.10
N SER B 56 -28.10 -1.63 57.33
CA SER B 56 -29.39 -1.26 57.93
C SER B 56 -29.59 0.24 57.76
N GLY B 57 -30.81 0.71 57.97
CA GLY B 57 -31.10 2.11 57.72
C GLY B 57 -30.98 2.47 56.25
N VAL B 58 -30.92 3.75 55.97
CA VAL B 58 -31.05 4.25 54.60
C VAL B 58 -29.76 4.91 54.11
N VAL B 59 -29.23 4.42 53.00
CA VAL B 59 -28.08 5.07 52.35
C VAL B 59 -28.53 6.23 51.46
N ASP B 60 -27.96 7.41 51.69
CA ASP B 60 -28.22 8.53 50.80
C ASP B 60 -27.45 8.39 49.48
N ALA B 61 -28.17 8.17 48.39
CA ALA B 61 -27.57 8.14 47.06
C ALA B 61 -27.88 9.44 46.36
N THR B 62 -27.26 10.52 46.81
CA THR B 62 -27.72 11.84 46.45
C THR B 62 -26.66 12.70 45.77
N THR B 63 -25.46 12.17 45.62
CA THR B 63 -24.40 12.85 44.85
C THR B 63 -23.37 11.81 44.43
N PHE B 64 -22.59 12.12 43.40
CA PHE B 64 -21.55 11.22 42.91
C PHE B 64 -20.50 10.97 43.97
N GLN B 65 -20.00 9.74 44.03
CA GLN B 65 -18.92 9.42 44.95
C GLN B 65 -17.57 9.70 44.31
N SER B 66 -16.50 9.39 45.04
CA SER B 66 -15.16 9.76 44.64
C SER B 66 -14.70 9.12 43.32
N VAL B 67 -13.81 9.80 42.61
CA VAL B 67 -13.12 9.23 41.47
C VAL B 67 -12.05 8.21 41.88
N CYS B 68 -12.01 7.07 41.20
CA CYS B 68 -10.93 6.08 41.41
C CYS B 68 -9.58 6.74 41.19
N TYR B 69 -8.59 6.43 42.04
CA TYR B 69 -7.26 7.04 41.92
C TYR B 69 -6.68 6.98 40.51
N GLN B 70 -6.20 8.11 40.01
CA GLN B 70 -5.71 8.16 38.65
C GLN B 70 -4.84 9.38 38.39
N TYR B 71 -4.01 9.26 37.38
CA TYR B 71 -3.23 10.40 36.90
C TYR B 71 -4.16 11.54 36.45
N VAL B 72 -3.73 12.78 36.69
CA VAL B 72 -4.49 13.95 36.28
C VAL B 72 -3.71 14.69 35.21
N ASP B 73 -4.30 14.81 34.01
CA ASP B 73 -3.67 15.50 32.89
C ASP B 73 -3.31 16.95 33.20
N THR B 74 -2.05 17.31 32.95
CA THR B 74 -1.59 18.67 33.20
C THR B 74 -1.10 19.42 31.95
N LEU B 75 -1.21 18.80 30.78
CA LEU B 75 -0.73 19.40 29.52
C LEU B 75 -1.19 20.83 29.26
N TYR B 76 -2.50 21.07 29.25
CA TYR B 76 -2.98 22.45 29.09
C TYR B 76 -3.87 22.85 30.27
N PRO B 77 -3.27 23.32 31.37
CA PRO B 77 -4.03 23.51 32.61
C PRO B 77 -5.08 24.63 32.47
N GLY B 78 -6.28 24.37 32.97
CA GLY B 78 -7.37 25.32 32.86
C GLY B 78 -8.08 25.28 31.51
N PHE B 79 -7.51 24.58 30.54
CA PHE B 79 -8.12 24.46 29.22
C PHE B 79 -9.32 23.53 29.28
N GLU B 80 -10.42 23.96 28.69
CA GLU B 80 -11.66 23.20 28.72
C GLU B 80 -11.52 21.80 28.09
N GLY B 81 -10.85 21.74 26.95
CA GLY B 81 -10.76 20.50 26.18
C GLY B 81 -10.08 19.37 26.93
N THR B 82 -9.20 19.71 27.86
CA THR B 82 -8.59 18.70 28.68
C THR B 82 -9.33 18.55 30.02
N GLU B 83 -9.73 19.67 30.63
CA GLU B 83 -10.31 19.65 32.00
C GLU B 83 -11.65 18.89 32.04
N MET B 84 -12.43 18.98 30.97
CA MET B 84 -13.68 18.24 30.90
C MET B 84 -13.52 16.73 31.18
N TRP B 85 -12.29 16.21 31.04
CA TRP B 85 -12.03 14.79 31.21
C TRP B 85 -11.39 14.44 32.57
N ASN B 86 -10.86 15.45 33.25
CA ASN B 86 -10.22 15.28 34.56
C ASN B 86 -11.21 15.03 35.70
N PRO B 87 -10.75 14.39 36.79
CA PRO B 87 -11.64 14.08 37.93
C PRO B 87 -12.36 15.32 38.45
N ASN B 88 -13.65 15.18 38.71
CA ASN B 88 -14.42 16.27 39.29
C ASN B 88 -14.98 15.90 40.65
N ARG B 89 -14.36 14.88 41.24
CA ARG B 89 -14.58 14.54 42.67
C ARG B 89 -13.21 14.24 43.23
N GLU B 90 -13.08 14.16 44.54
CA GLU B 90 -11.79 13.84 45.14
C GLU B 90 -11.37 12.42 44.69
N LEU B 91 -10.07 12.20 44.59
CA LEU B 91 -9.53 10.86 44.35
C LEU B 91 -9.56 9.98 45.61
N SER B 92 -9.95 8.73 45.45
CA SER B 92 -9.95 7.78 46.55
C SER B 92 -9.89 6.34 46.00
N GLU B 93 -9.32 5.42 46.76
CA GLU B 93 -9.41 4.00 46.43
C GLU B 93 -10.78 3.47 46.80
N ASP B 94 -11.49 4.23 47.63
CA ASP B 94 -12.88 3.96 47.96
C ASP B 94 -13.79 4.58 46.86
N CYS B 95 -13.98 3.85 45.75
CA CYS B 95 -14.60 4.47 44.57
C CYS B 95 -15.58 3.58 43.84
N LEU B 96 -15.87 2.42 44.44
CA LEU B 96 -16.70 1.47 43.73
C LEU B 96 -18.18 1.69 44.00
N TYR B 97 -18.72 2.72 43.36
CA TYR B 97 -20.12 3.13 43.44
C TYR B 97 -20.72 3.21 42.04
N LEU B 98 -22.04 3.00 41.90
CA LEU B 98 -22.69 3.22 40.61
C LEU B 98 -23.86 4.18 40.71
N ASN B 99 -24.43 4.51 39.57
CA ASN B 99 -25.46 5.54 39.47
C ASN B 99 -26.64 5.01 38.68
N VAL B 100 -27.85 5.38 39.09
CA VAL B 100 -29.06 4.99 38.38
C VAL B 100 -29.89 6.21 38.18
N TRP B 101 -30.24 6.49 36.92
CA TRP B 101 -31.22 7.50 36.63
C TRP B 101 -32.48 6.82 36.11
N THR B 102 -33.65 7.32 36.50
CA THR B 102 -34.90 6.71 36.10
C THR B 102 -35.96 7.81 35.90
N PRO B 103 -36.99 7.54 35.10
CA PRO B 103 -38.01 8.60 34.91
C PRO B 103 -38.82 8.90 36.19
N TYR B 104 -39.36 10.11 36.26
CA TYR B 104 -40.19 10.56 37.39
C TYR B 104 -41.60 10.93 36.92
N PRO B 105 -42.61 10.16 37.32
CA PRO B 105 -42.51 9.05 38.27
C PRO B 105 -41.97 7.75 37.68
N ARG B 106 -41.47 6.90 38.57
CA ARG B 106 -40.90 5.60 38.26
C ARG B 106 -41.80 4.82 37.30
N PRO B 107 -41.19 4.22 36.25
CA PRO B 107 -41.92 3.47 35.22
C PRO B 107 -42.93 2.49 35.80
N THR B 108 -44.09 2.39 35.17
CA THR B 108 -45.12 1.44 35.60
C THR B 108 -44.78 0.02 35.14
N SER B 109 -44.30 -0.09 33.90
CA SER B 109 -43.93 -1.37 33.30
C SER B 109 -42.42 -1.41 33.01
N PRO B 110 -41.82 -2.62 32.97
CA PRO B 110 -40.36 -2.75 32.81
C PRO B 110 -39.79 -2.00 31.60
N THR B 111 -38.70 -1.28 31.85
CA THR B 111 -38.14 -0.32 30.93
C THR B 111 -36.72 -0.74 30.54
N PRO B 112 -36.36 -0.56 29.26
CA PRO B 112 -35.02 -0.93 28.81
C PRO B 112 -33.92 -0.17 29.53
N VAL B 113 -32.82 -0.88 29.81
CA VAL B 113 -31.70 -0.27 30.52
C VAL B 113 -30.48 -0.02 29.62
N LEU B 114 -29.99 1.21 29.65
CA LEU B 114 -28.68 1.53 29.08
C LEU B 114 -27.63 1.61 30.21
N VAL B 115 -26.54 0.85 30.08
CA VAL B 115 -25.43 0.87 31.04
C VAL B 115 -24.15 1.47 30.42
N TRP B 116 -23.62 2.52 31.04
CA TRP B 116 -22.53 3.29 30.43
C TRP B 116 -21.18 2.96 31.01
N ILE B 117 -20.18 2.73 30.16
CA ILE B 117 -18.83 2.44 30.65
C ILE B 117 -17.84 3.46 30.11
N TYR B 118 -17.31 4.34 30.96
CA TYR B 118 -16.45 5.41 30.48
C TYR B 118 -15.12 4.91 29.96
N GLY B 119 -14.48 5.76 29.17
CA GLY B 119 -13.16 5.47 28.65
C GLY B 119 -12.13 6.30 29.41
N GLY B 120 -10.91 6.33 28.89
CA GLY B 120 -9.83 6.95 29.61
C GLY B 120 -8.58 6.10 29.60
N GLY B 121 -8.40 5.29 28.55
CA GLY B 121 -7.19 4.49 28.39
C GLY B 121 -6.91 3.45 29.46
N PHE B 122 -7.95 3.11 30.23
CA PHE B 122 -7.84 2.21 31.39
C PHE B 122 -6.98 2.81 32.50
N TYR B 123 -6.54 4.06 32.35
CA TYR B 123 -5.77 4.70 33.42
C TYR B 123 -6.51 5.88 34.05
N SER B 124 -7.66 6.26 33.50
CA SER B 124 -8.40 7.43 33.97
C SER B 124 -9.88 7.34 33.64
N GLY B 125 -10.64 8.32 34.14
CA GLY B 125 -12.04 8.47 33.80
C GLY B 125 -12.95 8.31 35.02
N ALA B 126 -14.21 8.70 34.88
CA ALA B 126 -15.14 8.60 36.02
C ALA B 126 -16.55 8.74 35.54
N SER B 127 -17.49 8.13 36.25
CA SER B 127 -18.88 8.22 35.83
C SER B 127 -19.52 9.57 36.19
N SER B 128 -18.79 10.38 36.95
CA SER B 128 -19.32 11.65 37.44
C SER B 128 -19.04 12.83 36.50
N LEU B 129 -18.26 12.63 35.44
CA LEU B 129 -18.00 13.71 34.50
C LEU B 129 -19.32 14.34 34.00
N ASP B 130 -19.37 15.66 33.90
CA ASP B 130 -20.54 16.38 33.37
C ASP B 130 -21.03 15.82 32.04
N VAL B 131 -20.09 15.48 31.17
CA VAL B 131 -20.47 15.02 29.86
C VAL B 131 -21.16 13.63 29.88
N TYR B 132 -21.14 12.93 31.02
CA TYR B 132 -21.83 11.63 31.16
C TYR B 132 -23.12 11.76 31.97
N ASP B 133 -23.56 13.00 32.20
CA ASP B 133 -24.80 13.27 32.91
C ASP B 133 -25.97 12.55 32.26
N GLY B 134 -26.55 11.59 32.97
CA GLY B 134 -27.61 10.79 32.40
C GLY B 134 -29.01 11.39 32.38
N ARG B 135 -29.18 12.57 32.97
CA ARG B 135 -30.54 13.09 33.18
C ARG B 135 -31.30 13.39 31.87
N PHE B 136 -30.59 13.77 30.81
CA PHE B 136 -31.24 14.14 29.54
C PHE B 136 -31.71 12.94 28.74
N LEU B 137 -30.88 11.91 28.68
CA LEU B 137 -31.29 10.68 27.98
C LEU B 137 -32.53 10.08 28.62
N VAL B 138 -32.54 10.02 29.95
CA VAL B 138 -33.65 9.39 30.68
C VAL B 138 -34.94 10.19 30.48
N GLN B 139 -34.83 11.51 30.51
CA GLN B 139 -36.01 12.35 30.34
C GLN B 139 -36.56 12.24 28.92
N ALA B 140 -35.68 12.35 27.93
CA ALA B 140 -36.08 12.38 26.54
C ALA B 140 -36.59 11.03 26.04
N GLU B 141 -35.98 9.94 26.48
CA GLU B 141 -36.24 8.65 25.85
C GLU B 141 -36.87 7.64 26.79
N ARG B 142 -37.00 8.03 28.06
CA ARG B 142 -37.62 7.19 29.06
C ARG B 142 -37.00 5.80 29.14
N THR B 143 -35.69 5.75 29.13
CA THR B 143 -34.97 4.52 29.46
C THR B 143 -34.52 4.65 30.91
N VAL B 144 -33.95 3.59 31.45
CA VAL B 144 -33.22 3.68 32.71
C VAL B 144 -31.74 3.67 32.39
N LEU B 145 -31.01 4.63 32.95
CA LEU B 145 -29.57 4.70 32.71
C LEU B 145 -28.76 4.35 33.95
N VAL B 146 -27.80 3.45 33.79
CA VAL B 146 -26.87 3.08 34.84
C VAL B 146 -25.44 3.36 34.40
N SER B 147 -24.61 3.91 35.29
CA SER B 147 -23.15 4.01 35.04
C SER B 147 -22.42 3.64 36.32
N MET B 148 -21.21 3.09 36.18
CA MET B 148 -20.44 2.63 37.32
C MET B 148 -19.05 3.20 37.29
N ASN B 149 -18.42 3.26 38.46
CA ASN B 149 -16.99 3.50 38.52
C ASN B 149 -16.30 2.14 38.57
N TYR B 150 -15.12 2.05 37.97
CA TYR B 150 -14.31 0.85 38.04
C TYR B 150 -12.87 1.29 38.19
N ARG B 151 -12.06 0.47 38.85
CA ARG B 151 -10.67 0.87 39.11
C ARG B 151 -9.87 0.97 37.82
N VAL B 152 -8.91 1.91 37.80
CA VAL B 152 -8.10 2.17 36.64
C VAL B 152 -6.63 2.18 37.05
N GLY B 153 -5.74 2.26 36.06
CA GLY B 153 -4.30 2.19 36.27
C GLY B 153 -3.87 0.92 37.00
N ALA B 154 -2.83 1.01 37.80
CA ALA B 154 -2.36 -0.16 38.55
C ALA B 154 -3.47 -0.73 39.44
N PHE B 155 -4.29 0.13 40.04
CA PHE B 155 -5.34 -0.35 40.92
C PHE B 155 -6.34 -1.27 40.24
N GLY B 156 -6.54 -1.06 38.94
CA GLY B 156 -7.48 -1.87 38.21
C GLY B 156 -6.83 -2.99 37.42
N PHE B 157 -5.56 -2.81 37.05
CA PHE B 157 -5.01 -3.67 35.99
C PHE B 157 -3.59 -4.10 36.17
N LEU B 158 -2.97 -3.75 37.30
CA LEU B 158 -1.68 -4.36 37.57
C LEU B 158 -1.91 -5.86 37.70
N ALA B 159 -1.07 -6.64 37.03
CA ALA B 159 -1.22 -8.09 37.02
C ALA B 159 0.13 -8.79 37.23
N LEU B 160 0.17 -9.70 38.19
CA LEU B 160 1.24 -10.71 38.24
C LEU B 160 0.57 -12.05 37.95
N PRO B 161 0.47 -12.42 36.65
CA PRO B 161 -0.34 -13.56 36.22
C PRO B 161 -0.07 -14.84 37.04
N GLY B 162 -1.14 -15.53 37.45
CA GLY B 162 -1.04 -16.73 38.24
C GLY B 162 -1.11 -16.51 39.75
N SER B 163 -0.71 -15.32 40.19
CA SER B 163 -0.72 -15.01 41.62
C SER B 163 -2.12 -14.82 42.13
N ARG B 164 -2.32 -15.04 43.42
CA ARG B 164 -3.62 -14.80 44.04
C ARG B 164 -3.80 -13.34 44.43
N GLU B 165 -2.69 -12.70 44.79
CA GLU B 165 -2.70 -11.38 45.36
C GLU B 165 -2.80 -10.26 44.33
N ALA B 166 -2.53 -10.56 43.06
CA ALA B 166 -2.74 -9.57 41.99
C ALA B 166 -2.99 -10.24 40.66
N PRO B 167 -4.20 -10.80 40.48
CA PRO B 167 -4.51 -11.63 39.31
C PRO B 167 -4.71 -10.83 38.03
N GLY B 168 -4.99 -9.54 38.17
CA GLY B 168 -5.20 -8.68 37.03
C GLY B 168 -6.66 -8.67 36.61
N ASN B 169 -6.98 -7.75 35.71
CA ASN B 169 -8.32 -7.56 35.20
C ASN B 169 -9.37 -7.20 36.27
N VAL B 170 -8.95 -6.71 37.45
CA VAL B 170 -9.97 -6.50 38.49
C VAL B 170 -10.89 -5.31 38.16
N GLY B 171 -10.40 -4.34 37.39
CA GLY B 171 -11.26 -3.24 36.93
C GLY B 171 -12.36 -3.73 35.98
N LEU B 172 -12.06 -4.78 35.22
CA LEU B 172 -13.11 -5.45 34.43
C LEU B 172 -14.09 -6.21 35.33
N LEU B 173 -13.56 -6.85 36.37
CA LEU B 173 -14.43 -7.52 37.33
C LEU B 173 -15.33 -6.53 38.08
N ASP B 174 -14.81 -5.34 38.37
CA ASP B 174 -15.63 -4.24 38.95
C ASP B 174 -16.84 -3.98 38.07
N GLN B 175 -16.57 -3.87 36.77
CA GLN B 175 -17.62 -3.65 35.79
C GLN B 175 -18.61 -4.80 35.78
N ARG B 176 -18.10 -6.04 35.76
CA ARG B 176 -18.98 -7.20 35.82
C ARG B 176 -19.86 -7.18 37.06
N LEU B 177 -19.26 -6.90 38.22
CA LEU B 177 -20.03 -6.86 39.46
C LEU B 177 -21.17 -5.85 39.30
N ALA B 178 -20.86 -4.67 38.77
CA ALA B 178 -21.92 -3.70 38.52
C ALA B 178 -23.00 -4.29 37.60
N LEU B 179 -22.60 -5.01 36.55
CA LEU B 179 -23.60 -5.61 35.65
C LEU B 179 -24.46 -6.65 36.38
N GLN B 180 -23.83 -7.43 37.26
CA GLN B 180 -24.55 -8.36 38.14
C GLN B 180 -25.51 -7.62 39.07
N TRP B 181 -25.06 -6.47 39.58
CA TRP B 181 -25.91 -5.61 40.39
C TRP B 181 -27.18 -5.18 39.63
N VAL B 182 -27.01 -4.86 38.34
CA VAL B 182 -28.14 -4.40 37.51
C VAL B 182 -29.17 -5.51 37.33
N GLN B 183 -28.65 -6.71 37.09
CA GLN B 183 -29.51 -7.88 36.94
C GLN B 183 -30.39 -8.04 38.19
N GLU B 184 -29.76 -8.06 39.35
CA GLU B 184 -30.46 -8.32 40.59
C GLU B 184 -31.32 -7.16 41.12
N ASN B 185 -31.09 -5.94 40.63
CA ASN B 185 -31.72 -4.77 41.26
C ASN B 185 -32.42 -3.74 40.38
N VAL B 186 -32.20 -3.79 39.06
CA VAL B 186 -32.66 -2.67 38.23
C VAL B 186 -34.19 -2.65 38.19
N ALA B 187 -34.81 -3.81 38.44
CA ALA B 187 -36.27 -3.91 38.37
C ALA B 187 -36.90 -3.05 39.47
N ALA B 188 -36.21 -2.93 40.61
CA ALA B 188 -36.68 -2.09 41.71
C ALA B 188 -36.74 -0.63 41.29
N PHE B 189 -36.08 -0.26 40.20
CA PHE B 189 -36.14 1.11 39.69
C PHE B 189 -37.09 1.19 38.51
N GLY B 190 -37.71 0.07 38.17
CA GLY B 190 -38.62 0.01 37.05
C GLY B 190 -37.94 -0.36 35.74
N GLY B 191 -36.67 -0.75 35.83
CA GLY B 191 -35.93 -1.19 34.66
C GLY B 191 -36.14 -2.66 34.33
N ASP B 192 -35.83 -3.03 33.08
CA ASP B 192 -35.98 -4.40 32.63
C ASP B 192 -34.66 -5.13 32.60
N PRO B 193 -34.46 -6.07 33.52
CA PRO B 193 -33.19 -6.82 33.46
C PRO B 193 -33.07 -7.74 32.25
N THR B 194 -34.13 -7.91 31.47
CA THR B 194 -34.03 -8.73 30.25
C THR B 194 -33.76 -7.88 29.02
N SER B 195 -33.62 -6.56 29.21
CA SER B 195 -33.29 -5.65 28.10
C SER B 195 -32.19 -4.65 28.49
N VAL B 196 -30.95 -5.15 28.58
CA VAL B 196 -29.85 -4.32 28.99
C VAL B 196 -28.80 -4.10 27.90
N THR B 197 -28.58 -2.83 27.57
CA THR B 197 -27.65 -2.42 26.50
C THR B 197 -26.39 -1.74 27.05
N LEU B 198 -25.21 -2.34 26.84
CA LEU B 198 -23.97 -1.69 27.26
C LEU B 198 -23.53 -0.72 26.20
N PHE B 199 -23.16 0.48 26.60
CA PHE B 199 -22.46 1.36 25.68
C PHE B 199 -21.28 2.00 26.39
N GLY B 200 -20.19 2.17 25.65
CA GLY B 200 -19.01 2.84 26.16
C GLY B 200 -18.24 3.45 25.01
N GLU B 201 -17.27 4.27 25.32
CA GLU B 201 -16.51 5.01 24.36
C GLU B 201 -15.04 4.75 24.67
N SER B 202 -14.21 4.59 23.63
CA SER B 202 -12.78 4.36 23.79
C SER B 202 -12.47 3.12 24.63
N ALA B 203 -11.70 3.26 25.72
CA ALA B 203 -11.44 2.10 26.57
C ALA B 203 -12.75 1.50 27.12
N GLY B 204 -13.82 2.31 27.20
CA GLY B 204 -15.12 1.77 27.60
C GLY B 204 -15.72 0.84 26.54
N ALA B 205 -15.48 1.17 25.29
CA ALA B 205 -15.90 0.37 24.15
C ALA B 205 -15.08 -0.91 24.03
N ALA B 206 -13.77 -0.80 24.18
CA ALA B 206 -12.95 -1.99 24.36
C ALA B 206 -13.49 -2.85 25.53
N SER B 207 -13.86 -2.22 26.64
CA SER B 207 -14.40 -2.98 27.81
C SER B 207 -15.71 -3.69 27.47
N VAL B 208 -16.64 -2.98 26.85
CA VAL B 208 -17.85 -3.57 26.29
C VAL B 208 -17.56 -4.81 25.43
N GLY B 209 -16.59 -4.69 24.53
CA GLY B 209 -16.23 -5.79 23.65
C GLY B 209 -15.68 -6.98 24.42
N MET B 210 -14.99 -6.71 25.53
CA MET B 210 -14.43 -7.80 26.30
C MET B 210 -15.53 -8.54 27.08
N HIS B 211 -16.56 -7.81 27.50
CA HIS B 211 -17.71 -8.46 28.11
C HIS B 211 -18.43 -9.36 27.10
N LEU B 212 -18.51 -8.93 25.84
CA LEU B 212 -19.00 -9.79 24.76
C LEU B 212 -18.26 -11.13 24.72
N LEU B 213 -16.94 -11.08 24.88
CA LEU B 213 -16.10 -12.25 24.60
C LEU B 213 -15.74 -13.04 25.84
N SER B 214 -16.36 -12.71 26.97
CA SER B 214 -16.11 -13.45 28.20
C SER B 214 -17.45 -14.03 28.65
N PRO B 215 -17.60 -15.35 28.54
CA PRO B 215 -18.88 -16.02 28.78
C PRO B 215 -19.61 -15.58 30.08
N PRO B 216 -18.92 -15.47 31.23
CA PRO B 216 -19.70 -15.03 32.39
C PRO B 216 -20.27 -13.60 32.28
N SER B 217 -19.62 -12.67 31.58
CA SER B 217 -20.23 -11.35 31.35
C SER B 217 -21.41 -11.41 30.40
N ARG B 218 -21.28 -12.30 29.41
CA ARG B 218 -22.10 -12.25 28.21
C ARG B 218 -23.58 -12.48 28.57
N GLY B 219 -23.79 -13.34 29.55
CA GLY B 219 -25.12 -13.48 30.13
C GLY B 219 -25.80 -12.29 30.80
N LEU B 220 -25.07 -11.18 31.02
CA LEU B 220 -25.64 -10.04 31.77
C LEU B 220 -26.22 -8.90 30.91
N PHE B 221 -26.16 -9.04 29.59
CA PHE B 221 -26.72 -8.02 28.72
C PHE B 221 -27.09 -8.62 27.36
N HIS B 222 -27.73 -7.80 26.52
CA HIS B 222 -28.38 -8.29 25.32
C HIS B 222 -27.90 -7.58 24.06
N ARG B 223 -27.55 -6.30 24.19
CA ARG B 223 -26.99 -5.54 23.08
C ARG B 223 -25.77 -4.74 23.51
N ALA B 224 -25.07 -4.21 22.51
CA ALA B 224 -23.78 -3.59 22.73
C ALA B 224 -23.58 -2.43 21.76
N VAL B 225 -23.00 -1.36 22.28
CA VAL B 225 -22.65 -0.17 21.51
C VAL B 225 -21.18 0.12 21.78
N LEU B 226 -20.36 0.11 20.73
CA LEU B 226 -18.93 0.40 20.84
C LEU B 226 -18.63 1.67 20.08
N GLN B 227 -18.27 2.72 20.79
CA GLN B 227 -17.98 4.02 20.20
C GLN B 227 -16.48 4.23 20.20
N SER B 228 -15.88 4.35 19.01
CA SER B 228 -14.45 4.69 18.92
C SER B 228 -13.52 3.82 19.78
N GLY B 229 -13.75 2.50 19.80
CA GLY B 229 -12.93 1.63 20.65
C GLY B 229 -13.33 0.19 20.41
N ALA B 230 -12.41 -0.74 20.62
CA ALA B 230 -12.60 -2.13 20.26
C ALA B 230 -11.64 -2.96 21.09
N PRO B 231 -12.07 -4.15 21.53
CA PRO B 231 -11.22 -4.93 22.43
C PRO B 231 -9.99 -5.47 21.68
N ASN B 232 -10.05 -5.51 20.33
CA ASN B 232 -8.90 -5.91 19.52
C ASN B 232 -7.92 -4.78 19.18
N GLY B 233 -8.17 -3.56 19.67
CA GLY B 233 -7.19 -2.50 19.51
C GLY B 233 -5.84 -2.82 20.16
N PRO B 234 -4.71 -2.51 19.47
CA PRO B 234 -3.35 -2.81 19.92
C PRO B 234 -2.95 -2.25 21.33
N TRP B 235 -3.73 -1.31 21.84
CA TRP B 235 -3.46 -0.67 23.11
C TRP B 235 -4.29 -1.31 24.23
N ALA B 236 -5.24 -2.14 23.83
CA ALA B 236 -6.34 -2.53 24.70
C ALA B 236 -6.02 -3.74 25.59
N THR B 237 -5.08 -4.59 25.16
CA THR B 237 -4.71 -5.72 26.01
C THR B 237 -3.22 -5.90 26.01
N VAL B 238 -2.73 -6.70 26.96
CA VAL B 238 -1.30 -6.98 27.07
C VAL B 238 -1.16 -8.48 27.33
N GLY B 239 -0.03 -9.08 26.94
CA GLY B 239 0.21 -10.49 27.24
C GLY B 239 0.70 -10.68 28.67
N MET B 240 0.73 -11.93 29.14
CA MET B 240 1.06 -12.21 30.56
C MET B 240 2.45 -11.76 30.92
N GLY B 241 3.41 -12.09 30.05
CA GLY B 241 4.81 -11.79 30.34
C GLY B 241 5.07 -10.29 30.42
N GLU B 242 4.43 -9.54 29.54
CA GLU B 242 4.66 -8.10 29.53
C GLU B 242 3.95 -7.45 30.74
N ALA B 243 2.78 -7.97 31.11
CA ALA B 243 2.06 -7.49 32.29
C ALA B 243 2.95 -7.63 33.50
N ARG B 244 3.51 -8.83 33.65
CA ARG B 244 4.39 -9.12 34.76
C ARG B 244 5.60 -8.21 34.74
N ARG B 245 6.13 -7.94 33.56
CA ARG B 245 7.33 -7.11 33.46
C ARG B 245 7.05 -5.70 33.94
N ARG B 246 5.92 -5.16 33.48
CA ARG B 246 5.45 -3.84 33.89
C ARG B 246 5.16 -3.75 35.40
N ALA B 247 4.45 -4.75 35.90
CA ALA B 247 4.10 -4.79 37.31
C ALA B 247 5.38 -4.85 38.12
N THR B 248 6.31 -5.66 37.64
CA THR B 248 7.56 -5.86 38.36
C THR B 248 8.40 -4.59 38.35
N GLN B 249 8.46 -3.92 37.20
N GLN B 249 8.44 -3.89 37.22
CA GLN B 249 9.18 -2.65 37.09
CA GLN B 249 9.21 -2.66 37.13
C GLN B 249 8.56 -1.58 37.99
C GLN B 249 8.56 -1.52 37.92
N LEU B 250 7.24 -1.55 38.05
CA LEU B 250 6.56 -0.57 38.91
C LEU B 250 6.98 -0.77 40.37
N ALA B 251 6.88 -2.02 40.83
CA ALA B 251 7.25 -2.36 42.19
C ALA B 251 8.69 -1.94 42.47
N HIS B 252 9.59 -2.24 41.53
CA HIS B 252 10.99 -1.84 41.65
C HIS B 252 11.16 -0.32 41.80
N LEU B 253 10.44 0.43 40.96
CA LEU B 253 10.56 1.89 40.94
C LEU B 253 10.06 2.58 42.22
N VAL B 254 9.28 1.87 43.02
CA VAL B 254 8.80 2.42 44.29
C VAL B 254 9.39 1.65 45.49
N GLY B 255 10.45 0.88 45.22
CA GLY B 255 11.20 0.20 46.26
C GLY B 255 10.75 -1.20 46.64
N CYS B 256 10.10 -1.90 45.75
CA CYS B 256 9.57 -3.22 46.09
C CYS B 256 10.09 -4.30 45.16
N PRO B 257 10.82 -5.30 45.70
CA PRO B 257 11.18 -5.42 47.12
C PRO B 257 12.44 -4.62 47.41
N PRO B 258 12.78 -4.43 48.70
CA PRO B 258 14.04 -3.77 49.09
C PRO B 258 15.24 -4.73 49.01
N THR B 261 14.10 -6.81 42.87
CA THR B 261 13.12 -7.02 41.80
C THR B 261 12.56 -8.44 41.81
N GLY B 262 11.27 -8.56 41.53
CA GLY B 262 10.61 -9.85 41.52
C GLY B 262 10.69 -10.52 42.88
N GLY B 263 10.87 -11.85 42.87
CA GLY B 263 10.85 -12.66 44.09
C GLY B 263 9.49 -13.30 44.29
N ASN B 264 9.18 -13.68 45.54
CA ASN B 264 7.84 -14.18 45.91
C ASN B 264 6.79 -13.15 45.50
N ASP B 265 5.73 -13.58 44.82
CA ASP B 265 4.70 -12.64 44.42
C ASP B 265 3.96 -12.04 45.63
N THR B 266 3.68 -12.88 46.63
CA THR B 266 2.95 -12.44 47.81
C THR B 266 3.68 -11.33 48.57
N GLU B 267 5.00 -11.45 48.68
CA GLU B 267 5.79 -10.44 49.38
C GLU B 267 5.84 -9.13 48.60
N LEU B 268 5.86 -9.25 47.27
CA LEU B 268 5.98 -8.09 46.40
C LEU B 268 4.70 -7.28 46.43
N VAL B 269 3.57 -7.96 46.38
CA VAL B 269 2.29 -7.28 46.37
C VAL B 269 2.04 -6.66 47.75
N ALA B 270 2.40 -7.38 48.81
CA ALA B 270 2.22 -6.84 50.15
C ALA B 270 3.05 -5.56 50.28
N CYS B 271 4.27 -5.58 49.80
CA CYS B 271 5.05 -4.35 49.78
C CYS B 271 4.38 -3.26 48.89
N LEU B 272 3.80 -3.65 47.75
CA LEU B 272 3.08 -2.68 46.90
C LEU B 272 1.90 -2.03 47.65
N ARG B 273 1.21 -2.84 48.45
CA ARG B 273 0.02 -2.41 49.17
C ARG B 273 0.34 -1.42 50.29
N THR B 274 1.60 -1.27 50.66
CA THR B 274 1.96 -0.36 51.75
C THR B 274 2.27 1.01 51.20
N ARG B 275 2.33 1.11 49.88
CA ARG B 275 2.63 2.39 49.26
C ARG B 275 1.36 3.23 49.13
N PRO B 276 1.49 4.54 49.36
CA PRO B 276 0.34 5.43 49.14
C PRO B 276 -0.10 5.38 47.67
N ALA B 277 -1.40 5.42 47.42
CA ALA B 277 -1.93 5.45 46.06
C ALA B 277 -1.21 6.47 45.18
N GLN B 278 -1.02 7.68 45.68
CA GLN B 278 -0.45 8.72 44.83
C GLN B 278 0.96 8.39 44.35
N VAL B 279 1.66 7.54 45.10
CA VAL B 279 3.04 7.17 44.74
C VAL B 279 3.05 6.23 43.53
N LEU B 280 2.14 5.25 43.56
CA LEU B 280 1.93 4.35 42.45
C LEU B 280 1.59 5.14 41.19
N VAL B 281 0.59 6.01 41.28
CA VAL B 281 0.19 6.85 40.15
C VAL B 281 1.35 7.65 39.57
N ASN B 282 2.18 8.22 40.44
CA ASN B 282 3.29 9.04 39.98
C ASN B 282 4.33 8.28 39.19
N HIS B 283 4.37 6.97 39.35
CA HIS B 283 5.41 6.19 38.70
C HIS B 283 4.89 5.34 37.55
N GLU B 284 3.58 5.30 37.37
CA GLU B 284 3.00 4.32 36.47
C GLU B 284 3.43 4.52 35.01
N TRP B 285 3.72 5.74 34.58
CA TRP B 285 4.06 5.90 33.16
C TRP B 285 5.50 5.58 32.84
N HIS B 286 6.34 5.43 33.86
CA HIS B 286 7.74 5.07 33.64
C HIS B 286 7.97 3.61 33.28
N VAL B 287 6.90 2.81 33.28
CA VAL B 287 7.06 1.39 32.96
C VAL B 287 6.80 1.04 31.49
N LEU B 288 6.42 2.01 30.65
CA LEU B 288 6.21 1.69 29.24
C LEU B 288 7.55 1.40 28.54
N PRO B 289 7.54 0.46 27.57
CA PRO B 289 8.73 0.05 26.80
C PRO B 289 9.35 1.16 25.96
N GLN B 290 8.54 1.86 25.15
CA GLN B 290 9.05 3.04 24.45
C GLN B 290 8.16 4.24 24.74
N GLU B 291 8.64 5.43 24.36
CA GLU B 291 7.81 6.61 24.48
C GLU B 291 6.84 6.62 23.32
N SER B 292 5.59 6.94 23.65
CA SER B 292 4.52 6.86 22.68
C SER B 292 3.33 7.73 23.07
N VAL B 293 2.52 8.04 22.08
CA VAL B 293 1.15 8.41 22.34
C VAL B 293 0.35 7.11 22.14
N PHE B 294 -0.82 7.03 22.76
N PHE B 294 -0.81 7.05 22.77
CA PHE B 294 -1.70 5.90 22.53
CA PHE B 294 -1.74 5.93 22.60
C PHE B 294 -1.23 4.54 23.07
C PHE B 294 -1.22 4.56 23.07
N ARG B 295 -0.48 4.55 24.17
CA ARG B 295 -0.12 3.30 24.83
C ARG B 295 -0.18 3.53 26.34
N PHE B 296 -0.76 2.58 27.06
CA PHE B 296 -1.05 2.76 28.46
C PHE B 296 -0.49 1.61 29.29
N SER B 297 0.06 1.94 30.44
CA SER B 297 0.82 1.00 31.26
C SER B 297 0.06 -0.23 31.74
N PHE B 298 -1.12 -0.04 32.29
CA PHE B 298 -1.81 -1.16 32.86
C PHE B 298 -3.17 -1.28 32.23
N VAL B 299 -3.34 -2.37 31.46
CA VAL B 299 -4.53 -2.58 30.67
C VAL B 299 -4.92 -4.04 30.86
N PRO B 300 -6.10 -4.44 30.38
CA PRO B 300 -6.47 -5.86 30.50
C PRO B 300 -5.37 -6.82 29.99
N VAL B 301 -5.24 -7.96 30.65
CA VAL B 301 -4.22 -8.93 30.31
C VAL B 301 -4.89 -10.19 29.77
N VAL B 302 -4.29 -10.79 28.76
CA VAL B 302 -4.82 -12.03 28.21
C VAL B 302 -4.17 -13.19 28.96
N ASP B 303 -4.94 -13.90 29.78
CA ASP B 303 -4.33 -14.86 30.69
C ASP B 303 -5.12 -16.17 30.85
N GLY B 304 -6.16 -16.33 30.05
CA GLY B 304 -6.87 -17.59 30.00
C GLY B 304 -8.07 -17.58 30.90
N ASP B 305 -8.21 -16.51 31.69
CA ASP B 305 -9.29 -16.44 32.66
C ASP B 305 -10.43 -15.55 32.14
N PHE B 306 -10.39 -14.25 32.44
CA PHE B 306 -11.43 -13.34 31.93
C PHE B 306 -11.49 -13.49 30.41
N LEU B 307 -10.31 -13.50 29.79
CA LEU B 307 -10.11 -13.73 28.37
C LEU B 307 -9.36 -15.03 28.11
N SER B 308 -10.03 -16.02 27.52
CA SER B 308 -9.43 -17.35 27.30
C SER B 308 -8.43 -17.37 26.15
N ASP B 309 -8.46 -16.33 25.34
CA ASP B 309 -7.57 -16.15 24.20
C ASP B 309 -7.57 -14.67 23.85
N THR B 310 -6.73 -14.25 22.91
CA THR B 310 -6.72 -12.87 22.47
C THR B 310 -8.07 -12.47 21.90
N PRO B 311 -8.42 -11.19 22.02
CA PRO B 311 -9.66 -10.70 21.44
C PRO B 311 -9.79 -11.03 19.94
N GLU B 312 -8.71 -10.88 19.18
CA GLU B 312 -8.74 -11.25 17.77
C GLU B 312 -9.23 -12.69 17.60
N ALA B 313 -8.55 -13.64 18.25
CA ALA B 313 -8.92 -15.03 18.17
C ALA B 313 -10.37 -15.28 18.58
N LEU B 314 -10.78 -14.68 19.69
CA LEU B 314 -12.14 -14.89 20.20
C LEU B 314 -13.18 -14.34 19.25
N ILE B 315 -12.89 -13.20 18.65
CA ILE B 315 -13.78 -12.60 17.68
C ILE B 315 -13.89 -13.54 16.47
N ASN B 316 -12.74 -14.00 15.97
CA ASN B 316 -12.72 -14.87 14.80
C ASN B 316 -13.46 -16.19 15.03
N ALA B 317 -13.41 -16.69 16.25
CA ALA B 317 -13.90 -18.03 16.55
C ALA B 317 -15.33 -18.07 17.02
N GLY B 318 -15.98 -16.92 17.13
CA GLY B 318 -17.24 -16.86 17.84
C GLY B 318 -18.50 -16.98 17.03
N ASP B 319 -19.55 -17.46 17.69
CA ASP B 319 -20.90 -17.41 17.12
C ASP B 319 -21.63 -16.24 17.77
N PHE B 320 -22.14 -15.36 16.93
CA PHE B 320 -22.73 -14.11 17.38
C PHE B 320 -24.16 -13.97 16.93
N HIS B 321 -24.80 -15.09 16.63
CA HIS B 321 -26.22 -15.04 16.25
C HIS B 321 -27.04 -14.61 17.46
N GLY B 322 -28.08 -13.81 17.21
CA GLY B 322 -28.90 -13.26 18.28
C GLY B 322 -28.34 -11.99 18.92
N LEU B 323 -27.33 -11.39 18.28
CA LEU B 323 -26.68 -10.21 18.83
C LEU B 323 -26.88 -9.01 17.92
N GLN B 324 -27.21 -7.87 18.51
CA GLN B 324 -27.25 -6.62 17.77
C GLN B 324 -26.16 -5.72 18.33
N VAL B 325 -25.42 -5.07 17.43
CA VAL B 325 -24.33 -4.21 17.83
C VAL B 325 -24.34 -2.92 17.01
N LEU B 326 -24.07 -1.81 17.69
CA LEU B 326 -23.92 -0.53 17.03
C LEU B 326 -22.48 -0.10 17.31
N VAL B 327 -21.77 0.28 16.24
CA VAL B 327 -20.36 0.68 16.36
C VAL B 327 -20.12 1.90 15.51
N GLY B 328 -19.11 2.68 15.88
CA GLY B 328 -18.76 3.83 15.08
C GLY B 328 -17.49 4.51 15.54
N VAL B 329 -17.16 5.59 14.82
CA VAL B 329 -15.96 6.38 15.07
C VAL B 329 -16.30 7.82 14.81
N VAL B 330 -15.46 8.73 15.29
CA VAL B 330 -15.54 10.12 14.86
C VAL B 330 -14.70 10.30 13.58
N LYS B 331 -14.89 11.44 12.94
CA LYS B 331 -14.23 11.76 11.70
C LYS B 331 -12.72 11.87 11.81
N ASP B 332 -12.22 12.42 12.92
CA ASP B 332 -10.77 12.58 13.09
C ASP B 332 -10.23 11.93 14.38
N GLU B 333 -10.18 10.60 14.38
CA GLU B 333 -9.84 9.86 15.57
C GLU B 333 -8.44 10.18 16.08
N GLY B 334 -7.51 10.46 15.17
CA GLY B 334 -6.11 10.57 15.58
C GLY B 334 -5.59 11.89 16.11
N SER B 335 -6.18 12.98 15.63
CA SER B 335 -5.70 14.34 15.91
C SER B 335 -5.47 14.65 17.40
N TYR B 336 -6.43 14.25 18.23
CA TYR B 336 -6.36 14.53 19.66
C TYR B 336 -5.10 13.93 20.28
N PHE B 337 -4.70 12.77 19.78
CA PHE B 337 -3.59 12.05 20.40
C PHE B 337 -2.24 12.65 20.06
N LEU B 338 -2.16 13.39 18.96
CA LEU B 338 -0.89 13.90 18.43
C LEU B 338 -0.26 15.00 19.29
N VAL B 339 -1.09 15.76 20.00
CA VAL B 339 -0.54 16.85 20.81
C VAL B 339 0.03 16.34 22.13
N TYR B 340 -0.07 15.04 22.36
CA TYR B 340 0.56 14.47 23.54
C TYR B 340 1.93 13.82 23.23
N GLY B 341 2.70 14.39 22.31
CA GLY B 341 4.06 13.90 22.16
C GLY B 341 4.66 13.79 20.77
N ALA B 342 3.80 13.72 19.76
CA ALA B 342 4.29 13.70 18.39
C ALA B 342 5.01 15.02 18.11
N PRO B 343 6.28 14.93 17.64
CA PRO B 343 7.09 16.11 17.37
C PRO B 343 6.43 17.07 16.40
N GLY B 344 6.43 18.35 16.78
CA GLY B 344 5.83 19.39 15.95
C GLY B 344 4.34 19.68 16.18
N PHE B 345 3.69 18.91 17.03
CA PHE B 345 2.25 19.07 17.25
C PHE B 345 1.92 19.88 18.50
N SER B 346 0.96 20.79 18.35
CA SER B 346 0.46 21.61 19.46
C SER B 346 -0.97 22.04 19.16
N LYS B 347 -1.81 22.13 20.18
CA LYS B 347 -3.14 22.70 19.94
C LYS B 347 -3.04 24.20 19.59
N ASP B 348 -1.91 24.82 19.90
CA ASP B 348 -1.82 26.27 19.83
C ASP B 348 -1.16 26.81 18.55
N ASN B 349 -0.84 25.91 17.61
CA ASN B 349 -0.47 26.33 16.26
C ASN B 349 -1.02 25.35 15.23
N GLU B 350 -0.57 25.48 13.99
CA GLU B 350 -1.19 24.75 12.90
C GLU B 350 -0.62 23.34 12.77
N SER B 351 0.44 23.06 13.51
CA SER B 351 1.06 21.74 13.53
C SER B 351 1.43 21.29 12.11
N LEU B 352 1.87 22.24 11.30
CA LEU B 352 2.36 21.96 9.94
C LEU B 352 3.74 21.31 9.99
N ILE B 353 3.79 19.99 10.16
CA ILE B 353 5.04 19.32 10.44
C ILE B 353 5.88 19.05 9.17
N SER B 354 7.16 18.76 9.41
CA SER B 354 8.10 18.42 8.36
C SER B 354 8.13 16.91 8.11
N ARG B 355 8.83 16.54 7.05
CA ARG B 355 8.94 15.14 6.69
C ARG B 355 9.70 14.39 7.76
N ALA B 356 10.78 14.96 8.25
CA ALA B 356 11.51 14.34 9.35
C ALA B 356 10.60 14.15 10.57
N GLU B 357 9.70 15.12 10.82
CA GLU B 357 8.84 15.07 12.00
C GLU B 357 7.73 14.02 11.82
N PHE B 358 7.31 13.85 10.56
CA PHE B 358 6.31 12.86 10.21
C PHE B 358 6.82 11.46 10.45
N LEU B 359 8.02 11.18 9.94
CA LEU B 359 8.65 9.88 10.12
C LEU B 359 8.85 9.59 11.60
N ALA B 360 9.20 10.61 12.35
CA ALA B 360 9.49 10.42 13.75
C ALA B 360 8.17 10.16 14.49
N GLY B 361 7.10 10.77 14.00
CA GLY B 361 5.78 10.57 14.55
C GLY B 361 5.22 9.18 14.34
N VAL B 362 5.57 8.55 13.22
CA VAL B 362 5.09 7.22 12.91
C VAL B 362 5.59 6.22 13.95
N ARG B 363 6.78 6.44 14.50
CA ARG B 363 7.33 5.55 15.54
C ARG B 363 6.64 5.79 16.88
N VAL B 364 6.24 7.02 17.13
CA VAL B 364 5.57 7.35 18.38
C VAL B 364 4.12 6.87 18.38
N GLY B 365 3.45 7.01 17.22
CA GLY B 365 2.06 6.62 17.11
C GLY B 365 1.85 5.15 16.75
N VAL B 366 2.87 4.52 16.18
CA VAL B 366 2.85 3.07 15.98
C VAL B 366 4.04 2.45 16.69
N PRO B 367 3.99 2.45 18.03
CA PRO B 367 5.13 2.00 18.84
C PRO B 367 5.32 0.49 18.77
N GLN B 368 6.57 0.06 18.95
CA GLN B 368 6.93 -1.36 19.05
C GLN B 368 6.62 -2.19 17.80
N VAL B 369 6.95 -1.67 16.63
CA VAL B 369 6.93 -2.50 15.42
C VAL B 369 8.31 -2.43 14.79
N SER B 370 8.67 -3.42 13.98
CA SER B 370 9.98 -3.43 13.33
C SER B 370 10.16 -2.24 12.39
N ASP B 371 11.40 -1.95 12.01
CA ASP B 371 11.66 -0.90 10.99
C ASP B 371 10.97 -1.23 9.67
N LEU B 372 10.96 -2.50 9.31
CA LEU B 372 10.32 -2.95 8.09
C LEU B 372 8.84 -2.55 8.12
N ALA B 373 8.20 -2.74 9.27
CA ALA B 373 6.77 -2.42 9.42
C ALA B 373 6.54 -0.91 9.37
N ALA B 374 7.38 -0.14 10.05
CA ALA B 374 7.32 1.31 9.97
C ALA B 374 7.50 1.79 8.50
N GLU B 375 8.48 1.20 7.81
CA GLU B 375 8.71 1.51 6.41
C GLU B 375 7.42 1.30 5.63
N ALA B 376 6.75 0.20 5.91
CA ALA B 376 5.49 -0.09 5.24
C ALA B 376 4.41 0.95 5.56
N VAL B 377 4.39 1.47 6.80
CA VAL B 377 3.41 2.50 7.14
C VAL B 377 3.68 3.78 6.34
N VAL B 378 4.94 4.18 6.30
CA VAL B 378 5.34 5.34 5.53
C VAL B 378 5.00 5.19 4.03
N LEU B 379 5.16 3.99 3.49
CA LEU B 379 4.80 3.71 2.10
C LEU B 379 3.33 3.98 1.80
N HIS B 380 2.46 3.50 2.68
N HIS B 380 2.48 3.46 2.68
CA HIS B 380 1.04 3.58 2.40
CA HIS B 380 1.05 3.55 2.49
C HIS B 380 0.46 4.95 2.76
C HIS B 380 0.56 4.99 2.66
N TYR B 381 1.13 5.71 3.63
CA TYR B 381 0.59 7.02 3.99
C TYR B 381 1.29 8.22 3.35
N THR B 382 2.37 7.99 2.63
CA THR B 382 2.98 9.09 1.88
C THR B 382 2.29 9.29 0.53
N ASP B 383 1.96 10.53 0.19
CA ASP B 383 1.56 10.84 -1.19
C ASP B 383 2.84 11.11 -1.96
N TRP B 384 3.19 10.25 -2.90
CA TRP B 384 4.52 10.33 -3.53
C TRP B 384 4.63 11.42 -4.62
N LEU B 385 3.53 12.09 -4.94
CA LEU B 385 3.54 13.29 -5.78
C LEU B 385 3.70 14.55 -4.93
N HIS B 386 3.57 14.39 -3.60
CA HIS B 386 3.72 15.49 -2.67
C HIS B 386 4.34 15.02 -1.36
N PRO B 387 5.53 14.42 -1.42
CA PRO B 387 6.05 13.76 -0.22
C PRO B 387 6.38 14.69 0.96
N GLU B 388 6.32 16.00 0.75
CA GLU B 388 6.83 16.90 1.78
C GLU B 388 5.88 18.03 2.16
N ASP B 389 4.68 18.01 1.59
CA ASP B 389 3.68 19.01 1.91
C ASP B 389 3.25 18.88 3.39
N PRO B 390 3.59 19.88 4.22
CA PRO B 390 3.33 19.88 5.66
C PRO B 390 1.88 19.56 6.06
N ALA B 391 0.93 20.25 5.45
CA ALA B 391 -0.49 20.03 5.71
C ALA B 391 -0.89 18.58 5.46
N ARG B 392 -0.45 18.05 4.32
CA ARG B 392 -0.72 16.65 4.00
C ARG B 392 -0.08 15.70 5.00
N LEU B 393 1.12 16.04 5.46
CA LEU B 393 1.83 15.22 6.44
C LEU B 393 1.10 15.19 7.79
N ARG B 394 0.59 16.34 8.22
CA ARG B 394 -0.19 16.46 9.45
C ARG B 394 -1.39 15.53 9.39
N GLU B 395 -2.12 15.64 8.28
CA GLU B 395 -3.33 14.88 8.02
C GLU B 395 -3.04 13.39 7.97
N ALA B 396 -1.94 13.02 7.30
CA ALA B 396 -1.58 11.61 7.19
C ALA B 396 -1.16 11.02 8.55
N LEU B 397 -0.49 11.80 9.39
CA LEU B 397 -0.04 11.24 10.66
C LEU B 397 -1.27 11.02 11.55
N SER B 398 -2.21 11.95 11.49
CA SER B 398 -3.51 11.76 12.12
C SER B 398 -4.25 10.53 11.63
N ASP B 399 -4.17 10.25 10.34
CA ASP B 399 -4.78 9.05 9.78
C ASP B 399 -4.08 7.80 10.27
N VAL B 400 -2.75 7.77 10.18
CA VAL B 400 -1.97 6.68 10.75
C VAL B 400 -2.42 6.32 12.17
N VAL B 401 -2.36 7.31 13.07
CA VAL B 401 -2.66 7.07 14.48
C VAL B 401 -4.12 6.67 14.63
N GLY B 402 -5.00 7.42 13.98
CA GLY B 402 -6.42 7.11 13.97
C GLY B 402 -6.75 5.71 13.48
N ASP B 403 -6.19 5.33 12.32
CA ASP B 403 -6.49 4.02 11.71
C ASP B 403 -5.98 2.86 12.55
N HIS B 404 -4.70 2.93 12.93
CA HIS B 404 -4.05 1.88 13.74
C HIS B 404 -4.78 1.64 15.06
N ASN B 405 -5.12 2.70 15.77
CA ASN B 405 -5.63 2.51 17.14
C ASN B 405 -7.15 2.40 17.28
N VAL B 406 -7.92 2.97 16.34
CA VAL B 406 -9.35 2.98 16.52
C VAL B 406 -10.12 2.43 15.32
N VAL B 407 -9.99 3.09 14.16
CA VAL B 407 -10.86 2.80 13.03
C VAL B 407 -10.70 1.36 12.52
N CYS B 408 -9.48 0.92 12.24
CA CYS B 408 -9.33 -0.43 11.69
C CYS B 408 -9.65 -1.56 12.72
N PRO B 409 -9.28 -1.39 14.01
CA PRO B 409 -9.82 -2.35 14.99
C PRO B 409 -11.35 -2.45 15.04
N VAL B 410 -12.06 -1.32 15.03
CA VAL B 410 -13.53 -1.30 14.98
C VAL B 410 -14.01 -1.90 13.63
N ALA B 411 -13.44 -1.47 12.52
CA ALA B 411 -13.79 -2.06 11.21
C ALA B 411 -13.66 -3.58 11.22
N GLN B 412 -12.57 -4.09 11.77
CA GLN B 412 -12.37 -5.53 11.85
C GLN B 412 -13.40 -6.22 12.73
N LEU B 413 -13.73 -5.59 13.86
CA LEU B 413 -14.74 -6.13 14.78
C LEU B 413 -16.06 -6.18 14.07
N ALA B 414 -16.40 -5.08 13.41
CA ALA B 414 -17.69 -4.95 12.74
C ALA B 414 -17.89 -6.03 11.70
N GLY B 415 -16.87 -6.21 10.86
CA GLY B 415 -16.91 -7.18 9.77
C GLY B 415 -16.99 -8.63 10.22
N ARG B 416 -16.15 -9.04 11.16
CA ARG B 416 -16.26 -10.40 11.66
C ARG B 416 -17.61 -10.66 12.34
N LEU B 417 -18.14 -9.68 13.07
CA LEU B 417 -19.41 -9.87 13.80
C LEU B 417 -20.55 -10.05 12.82
N ALA B 418 -20.57 -9.20 11.79
CA ALA B 418 -21.56 -9.31 10.71
C ALA B 418 -21.50 -10.71 10.12
N ALA B 419 -20.31 -11.09 9.66
CA ALA B 419 -20.09 -12.37 8.98
C ALA B 419 -20.49 -13.57 9.82
N GLN B 420 -20.43 -13.44 11.15
CA GLN B 420 -20.61 -14.59 12.02
C GLN B 420 -21.88 -14.54 12.85
N GLY B 421 -22.87 -13.82 12.36
CA GLY B 421 -24.19 -13.95 12.93
C GLY B 421 -24.90 -12.68 13.35
N ALA B 422 -24.14 -11.64 13.70
CA ALA B 422 -24.75 -10.50 14.39
C ALA B 422 -25.30 -9.46 13.42
N ARG B 423 -26.32 -8.74 13.86
CA ARG B 423 -26.78 -7.56 13.13
C ARG B 423 -25.96 -6.36 13.58
N VAL B 424 -25.26 -5.72 12.65
CA VAL B 424 -24.35 -4.64 12.97
C VAL B 424 -24.80 -3.36 12.29
N TYR B 425 -24.77 -2.26 13.04
CA TYR B 425 -25.01 -0.93 12.48
C TYR B 425 -23.77 -0.07 12.75
N ALA B 426 -23.38 0.74 11.79
CA ALA B 426 -22.12 1.45 11.85
C ALA B 426 -22.31 2.93 11.50
N TYR B 427 -21.58 3.80 12.18
CA TYR B 427 -21.70 5.24 11.93
C TYR B 427 -20.32 5.90 11.87
N VAL B 428 -20.28 7.08 11.27
CA VAL B 428 -19.17 7.99 11.49
C VAL B 428 -19.77 9.31 11.95
N PHE B 429 -19.32 9.79 13.11
CA PHE B 429 -19.83 11.03 13.68
C PHE B 429 -19.03 12.21 13.09
N GLU B 430 -19.70 13.14 12.42
CA GLU B 430 -18.98 14.12 11.56
C GLU B 430 -19.28 15.56 11.89
N HIS B 431 -19.94 15.81 13.01
CA HIS B 431 -20.26 17.19 13.36
C HIS B 431 -19.25 17.81 14.31
N ARG B 432 -18.76 18.99 13.96
CA ARG B 432 -17.85 19.71 14.81
C ARG B 432 -18.64 20.72 15.66
N ALA B 433 -18.74 20.43 16.95
CA ALA B 433 -19.56 21.23 17.87
C ALA B 433 -19.16 22.71 17.84
N SER B 434 -20.17 23.57 17.79
CA SER B 434 -19.97 25.02 17.81
C SER B 434 -19.19 25.47 19.05
N THR B 435 -19.18 24.63 20.09
CA THR B 435 -18.55 25.00 21.36
C THR B 435 -17.14 24.43 21.50
N LEU B 436 -16.75 23.60 20.54
CA LEU B 436 -15.46 22.91 20.58
C LEU B 436 -14.29 23.87 20.82
N SER B 437 -13.51 23.60 21.86
CA SER B 437 -12.42 24.50 22.24
C SER B 437 -11.05 24.11 21.63
N TRP B 438 -10.99 22.95 20.98
CA TRP B 438 -9.78 22.54 20.23
C TRP B 438 -9.70 23.26 18.88
N PRO B 439 -8.49 23.43 18.33
CA PRO B 439 -8.27 24.12 17.04
C PRO B 439 -8.96 23.47 15.84
N LEU B 440 -9.21 24.27 14.81
CA LEU B 440 -9.92 23.80 13.65
C LEU B 440 -9.22 22.62 12.95
N TRP B 441 -7.89 22.58 12.94
CA TRP B 441 -7.19 21.51 12.22
C TRP B 441 -7.47 20.12 12.80
N MET B 442 -7.76 20.04 14.10
CA MET B 442 -8.11 18.74 14.70
C MET B 442 -9.46 18.18 14.21
N GLY B 443 -10.26 19.01 13.53
CA GLY B 443 -11.54 18.57 12.98
C GLY B 443 -12.51 18.08 14.06
N VAL B 444 -13.02 16.87 13.88
CA VAL B 444 -13.91 16.25 14.86
C VAL B 444 -13.16 15.19 15.65
N PRO B 445 -12.62 15.57 16.83
CA PRO B 445 -11.70 14.68 17.56
C PRO B 445 -12.36 13.59 18.38
N HIS B 446 -11.54 12.61 18.72
CA HIS B 446 -11.90 11.54 19.65
C HIS B 446 -12.68 12.03 20.86
N GLY B 447 -13.84 11.42 21.11
CA GLY B 447 -14.66 11.68 22.28
C GLY B 447 -15.72 12.77 22.20
N TYR B 448 -15.76 13.51 21.10
CA TYR B 448 -16.64 14.67 21.05
C TYR B 448 -18.00 14.35 20.44
N GLU B 449 -18.25 13.08 20.19
CA GLU B 449 -19.63 12.66 19.90
C GLU B 449 -20.41 12.40 21.20
N ILE B 450 -19.68 12.14 22.29
CA ILE B 450 -20.32 11.68 23.54
C ILE B 450 -21.38 12.66 24.05
N GLU B 451 -21.01 13.93 24.09
CA GLU B 451 -21.88 14.95 24.64
C GLU B 451 -23.20 15.08 23.86
N PHE B 452 -23.21 14.69 22.59
CA PHE B 452 -24.46 14.70 21.82
C PHE B 452 -25.30 13.49 22.17
N ILE B 453 -24.66 12.33 22.32
CA ILE B 453 -25.34 11.09 22.73
C ILE B 453 -26.06 11.31 24.07
N PHE B 454 -25.43 12.03 24.98
CA PHE B 454 -26.02 12.21 26.30
C PHE B 454 -26.94 13.42 26.33
N GLY B 455 -27.08 14.08 25.19
CA GLY B 455 -28.02 15.18 25.05
C GLY B 455 -27.60 16.44 25.78
N ILE B 456 -26.30 16.58 26.01
CA ILE B 456 -25.80 17.71 26.79
C ILE B 456 -26.15 19.09 26.19
N PRO B 457 -26.32 19.19 24.87
CA PRO B 457 -26.74 20.52 24.38
C PRO B 457 -28.08 21.03 24.91
N LEU B 458 -28.92 20.14 25.45
CA LEU B 458 -30.19 20.55 26.03
C LEU B 458 -30.02 21.31 27.35
N ASP B 459 -28.81 21.29 27.87
CA ASP B 459 -28.49 21.94 29.13
C ASP B 459 -28.46 23.45 28.92
N PRO B 460 -29.44 24.15 29.53
CA PRO B 460 -29.62 25.59 29.28
C PRO B 460 -28.41 26.45 29.70
N SER B 461 -27.53 25.95 30.56
CA SER B 461 -26.34 26.72 30.93
C SER B 461 -25.30 26.70 29.81
N ARG B 462 -25.47 25.80 28.84
CA ARG B 462 -24.53 25.70 27.74
C ARG B 462 -25.07 26.45 26.51
N ASN B 463 -24.17 26.81 25.61
CA ASN B 463 -24.55 27.70 24.51
C ASN B 463 -24.53 27.02 23.16
N TYR B 464 -25.21 25.87 23.04
CA TYR B 464 -25.31 25.17 21.76
C TYR B 464 -26.36 25.84 20.86
N THR B 465 -26.27 25.62 19.56
CA THR B 465 -27.27 26.16 18.66
C THR B 465 -28.54 25.34 18.76
N ALA B 466 -29.62 25.88 18.19
CA ALA B 466 -30.90 25.19 18.17
C ALA B 466 -30.83 23.92 17.33
N GLU B 467 -30.00 23.95 16.28
CA GLU B 467 -29.86 22.83 15.37
C GLU B 467 -29.13 21.70 16.07
N GLU B 468 -28.11 22.06 16.83
CA GLU B 468 -27.42 21.10 17.65
C GLU B 468 -28.35 20.45 18.72
N LYS B 469 -29.31 21.21 19.26
CA LYS B 469 -30.29 20.60 20.17
C LYS B 469 -31.16 19.58 19.43
N ILE B 470 -31.59 19.94 18.23
CA ILE B 470 -32.32 19.01 17.36
C ILE B 470 -31.46 17.78 17.02
N PHE B 471 -30.19 18.02 16.70
CA PHE B 471 -29.30 16.94 16.30
C PHE B 471 -29.09 15.96 17.45
N ALA B 472 -28.80 16.50 18.63
CA ALA B 472 -28.68 15.69 19.85
C ALA B 472 -29.92 14.86 20.17
N GLN B 473 -31.10 15.43 19.91
CA GLN B 473 -32.34 14.67 20.15
C GLN B 473 -32.46 13.51 19.15
N ARG B 474 -31.99 13.73 17.93
CA ARG B 474 -31.94 12.67 16.90
C ARG B 474 -31.06 11.54 17.38
N LEU B 475 -29.86 11.88 17.82
CA LEU B 475 -28.90 10.86 18.27
C LEU B 475 -29.45 10.08 19.45
N MET B 476 -29.98 10.78 20.45
CA MET B 476 -30.58 10.12 21.60
C MET B 476 -31.65 9.14 21.15
N ARG B 477 -32.46 9.56 20.16
CA ARG B 477 -33.50 8.71 19.60
C ARG B 477 -32.93 7.42 18.97
N TYR B 478 -31.85 7.53 18.17
CA TYR B 478 -31.20 6.35 17.60
C TYR B 478 -30.69 5.35 18.63
N TRP B 479 -29.95 5.85 19.61
CA TRP B 479 -29.38 5.01 20.65
C TRP B 479 -30.50 4.33 21.45
N ALA B 480 -31.55 5.08 21.80
CA ALA B 480 -32.63 4.47 22.59
C ALA B 480 -33.44 3.50 21.73
N ASN B 481 -33.72 3.89 20.48
CA ASN B 481 -34.32 2.96 19.52
C ASN B 481 -33.53 1.64 19.47
N PHE B 482 -32.21 1.77 19.36
CA PHE B 482 -31.35 0.59 19.33
C PHE B 482 -31.48 -0.20 20.63
N ALA B 483 -31.45 0.49 21.77
CA ALA B 483 -31.57 -0.17 23.07
C ALA B 483 -32.93 -0.88 23.21
N ARG B 484 -34.02 -0.23 22.79
CA ARG B 484 -35.35 -0.85 22.83
C ARG B 484 -35.48 -2.03 21.86
N THR B 485 -35.00 -1.87 20.62
CA THR B 485 -35.35 -2.82 19.57
C THR B 485 -34.19 -3.55 18.89
N GLY B 486 -32.96 -3.12 19.14
CA GLY B 486 -31.81 -3.67 18.43
C GLY B 486 -31.66 -3.08 17.04
N ASP B 487 -32.41 -2.01 16.81
CA ASP B 487 -32.45 -1.37 15.51
C ASP B 487 -32.68 0.12 15.75
N PRO B 488 -31.72 0.96 15.35
CA PRO B 488 -31.79 2.40 15.61
C PRO B 488 -32.83 3.13 14.76
N ASN B 489 -33.40 2.45 13.76
CA ASN B 489 -34.35 3.09 12.84
C ASN B 489 -35.69 3.32 13.49
N GLU B 490 -36.31 4.45 13.15
CA GLU B 490 -37.66 4.79 13.64
C GLU B 490 -38.68 3.71 13.30
N PRO B 491 -39.15 2.99 14.34
CA PRO B 491 -40.08 1.87 14.14
C PRO B 491 -41.53 2.35 14.01
N ALA B 496 -38.16 9.31 6.73
CA ALA B 496 -36.74 9.57 6.95
C ALA B 496 -35.87 8.48 6.32
N PRO B 497 -34.70 8.88 5.78
CA PRO B 497 -33.74 7.92 5.18
C PRO B 497 -33.38 6.80 6.17
N GLN B 498 -33.08 5.62 5.65
CA GLN B 498 -32.92 4.46 6.52
C GLN B 498 -31.45 4.15 6.78
N TRP B 499 -31.18 3.69 7.98
CA TRP B 499 -29.86 3.26 8.38
C TRP B 499 -29.75 1.74 8.17
N PRO B 500 -29.03 1.30 7.11
CA PRO B 500 -28.91 -0.12 6.78
C PRO B 500 -27.86 -0.82 7.63
N PRO B 501 -28.01 -2.13 7.85
CA PRO B 501 -26.97 -2.88 8.55
C PRO B 501 -25.61 -2.86 7.84
N TYR B 502 -24.54 -3.07 8.61
CA TYR B 502 -23.19 -3.17 8.09
C TYR B 502 -22.90 -4.64 7.81
N THR B 503 -22.24 -4.89 6.68
CA THR B 503 -21.88 -6.26 6.26
C THR B 503 -20.46 -6.30 5.73
N ALA B 504 -19.82 -7.47 5.80
CA ALA B 504 -18.42 -7.59 5.39
C ALA B 504 -18.22 -7.16 3.94
N GLY B 505 -19.25 -7.35 3.11
CA GLY B 505 -19.17 -7.00 1.70
C GLY B 505 -19.57 -5.57 1.31
N ALA B 506 -20.81 -5.19 1.57
CA ALA B 506 -21.20 -3.84 1.18
C ALA B 506 -20.65 -2.80 2.17
N GLN B 507 -20.38 -3.22 3.41
CA GLN B 507 -19.69 -2.37 4.40
C GLN B 507 -20.35 -1.00 4.56
N GLN B 508 -21.67 -0.97 4.61
CA GLN B 508 -22.37 0.30 4.64
C GLN B 508 -22.42 0.91 6.05
N TYR B 509 -22.39 2.24 6.11
CA TYR B 509 -22.46 2.96 7.39
C TYR B 509 -23.09 4.31 7.11
N VAL B 510 -23.58 4.99 8.15
CA VAL B 510 -24.16 6.31 7.94
C VAL B 510 -23.30 7.41 8.56
N SER B 511 -23.36 8.60 7.96
CA SER B 511 -22.76 9.78 8.56
C SER B 511 -23.76 10.44 9.52
N LEU B 512 -23.28 10.82 10.70
CA LEU B 512 -24.10 11.49 11.70
C LEU B 512 -23.72 12.96 11.78
N ASP B 513 -24.53 13.84 11.20
CA ASP B 513 -24.28 15.28 11.34
C ASP B 513 -25.59 16.05 11.28
N LEU B 514 -25.50 17.36 11.08
CA LEU B 514 -26.72 18.19 11.01
C LEU B 514 -27.59 17.85 9.79
N ARG B 515 -26.97 17.38 8.71
CA ARG B 515 -27.73 16.97 7.52
C ARG B 515 -28.42 15.64 7.85
N PRO B 516 -29.42 15.23 7.03
CA PRO B 516 -30.04 13.91 7.25
C PRO B 516 -29.03 12.78 7.02
N LEU B 517 -29.34 11.58 7.49
CA LEU B 517 -28.52 10.40 7.23
C LEU B 517 -28.10 10.24 5.77
N GLU B 518 -26.80 10.07 5.56
CA GLU B 518 -26.30 9.72 4.24
C GLU B 518 -25.61 8.36 4.32
N VAL B 519 -25.93 7.45 3.40
CA VAL B 519 -25.30 6.13 3.42
C VAL B 519 -24.02 6.13 2.60
N ARG B 520 -22.96 5.56 3.18
CA ARG B 520 -21.66 5.50 2.52
C ARG B 520 -21.07 4.12 2.68
N ARG B 521 -19.97 3.83 1.98
CA ARG B 521 -19.36 2.50 1.98
C ARG B 521 -17.89 2.50 2.39
N GLY B 522 -17.56 1.57 3.29
CA GLY B 522 -16.20 1.30 3.68
C GLY B 522 -15.68 2.18 4.78
N LEU B 523 -15.36 1.58 5.91
CA LEU B 523 -14.73 2.31 6.99
C LEU B 523 -13.23 2.34 6.73
N ARG B 524 -12.77 3.39 6.06
CA ARG B 524 -11.36 3.48 5.65
CA ARG B 524 -11.39 3.49 5.57
C ARG B 524 -10.87 2.14 5.09
N ALA B 525 -11.60 1.58 4.10
CA ALA B 525 -11.37 0.23 3.59
C ALA B 525 -9.97 -0.03 3.05
N GLN B 526 -9.44 0.89 2.23
CA GLN B 526 -8.10 0.71 1.69
C GLN B 526 -7.08 0.71 2.80
N ALA B 527 -7.13 1.74 3.64
CA ALA B 527 -6.22 1.84 4.78
C ALA B 527 -6.32 0.63 5.71
N CYS B 528 -7.53 0.21 6.02
CA CYS B 528 -7.66 -0.86 7.00
C CYS B 528 -7.30 -2.23 6.43
N ALA B 529 -7.22 -2.36 5.10
CA ALA B 529 -6.72 -3.62 4.52
C ALA B 529 -5.26 -3.77 4.89
N PHE B 530 -4.52 -2.68 4.77
CA PHE B 530 -3.14 -2.63 5.25
C PHE B 530 -3.03 -3.11 6.70
N TRP B 531 -3.79 -2.50 7.61
CA TRP B 531 -3.62 -2.82 9.03
C TRP B 531 -4.20 -4.18 9.42
N ASN B 532 -5.34 -4.53 8.84
CA ASN B 532 -6.01 -5.77 9.28
C ASN B 532 -5.62 -7.03 8.48
N ARG B 533 -5.13 -6.86 7.25
CA ARG B 533 -4.79 -8.03 6.45
C ARG B 533 -3.27 -8.21 6.26
N PHE B 534 -2.59 -7.20 5.74
CA PHE B 534 -1.17 -7.38 5.39
C PHE B 534 -0.21 -7.36 6.58
N LEU B 535 -0.27 -6.29 7.36
CA LEU B 535 0.71 -6.06 8.41
C LEU B 535 0.90 -7.24 9.40
N PRO B 536 -0.19 -7.93 9.75
CA PRO B 536 0.06 -9.09 10.63
C PRO B 536 0.90 -10.19 9.97
N LYS B 537 0.87 -10.29 8.63
CA LYS B 537 1.69 -11.30 7.95
C LYS B 537 3.16 -10.91 7.99
N LEU B 538 3.38 -9.60 8.09
CA LEU B 538 4.71 -9.04 8.19
C LEU B 538 5.31 -9.35 9.56
N LEU B 539 4.48 -9.34 10.59
CA LEU B 539 4.97 -9.60 11.95
C LEU B 539 5.32 -11.08 12.14
N SER B 540 4.55 -11.98 11.54
CA SER B 540 4.92 -13.40 11.49
C SER B 540 6.27 -13.65 10.78
N ALA B 541 6.47 -13.02 9.62
CA ALA B 541 7.72 -13.18 8.87
C ALA B 541 8.65 -11.98 9.03
C1 NAG C . -11.65 -16.73 -22.10
C2 NAG C . -12.59 -17.60 -21.25
C3 NAG C . -11.79 -18.43 -20.25
C4 NAG C . -10.71 -19.22 -20.96
C5 NAG C . -9.85 -18.28 -21.82
C6 NAG C . -8.79 -18.99 -22.64
C7 NAG C . -14.89 -17.11 -20.56
C8 NAG C . -15.28 -18.37 -21.28
N2 NAG C . -13.59 -16.79 -20.57
O3 NAG C . -12.67 -19.33 -19.56
O4 NAG C . -9.92 -19.90 -19.99
O5 NAG C . -10.68 -17.57 -22.74
O6 NAG C . -9.26 -20.22 -23.16
O7 NAG C . -15.73 -16.42 -19.99
C1 NAG C . -9.87 -21.31 -20.30
C2 NAG C . -8.58 -21.87 -19.72
C3 NAG C . -8.46 -23.37 -20.01
C4 NAG C . -9.71 -24.09 -19.53
C5 NAG C . -10.96 -23.43 -20.11
C6 NAG C . -12.26 -24.03 -19.61
C7 NAG C . -6.65 -20.33 -19.55
C8 NAG C . -5.53 -19.68 -20.29
N2 NAG C . -7.43 -21.16 -20.27
O3 NAG C . -7.31 -23.90 -19.38
O4 NAG C . -9.68 -25.47 -19.88
O5 NAG C . -11.00 -22.04 -19.76
O6 NAG C . -12.37 -25.39 -20.01
O7 NAG C . -6.86 -20.13 -18.35
C1 FUC C . -8.96 -20.38 -24.57
C2 FUC C . -9.38 -21.82 -24.95
C3 FUC C . -10.94 -21.95 -24.97
C4 FUC C . -11.60 -20.87 -25.87
C5 FUC C . -11.08 -19.47 -25.50
C6 FUC C . -11.55 -18.36 -26.45
O2 FUC C . -8.80 -22.78 -24.05
O3 FUC C . -11.32 -23.22 -25.50
O4 FUC C . -11.35 -21.17 -27.23
O5 FUC C . -9.59 -19.41 -25.44
C1 NAG D . 4.11 24.41 17.21
C2 NAG D . 5.50 24.82 16.71
C3 NAG D . 6.50 23.71 17.00
C4 NAG D . 6.52 23.42 18.49
C5 NAG D . 5.10 23.07 18.96
C6 NAG D . 4.99 22.89 20.46
C7 NAG D . 5.63 26.40 14.84
C8 NAG D . 5.79 27.46 15.90
N2 NAG D . 5.48 25.15 15.30
O3 NAG D . 7.80 24.09 16.56
O4 NAG D . 7.43 22.36 18.75
O5 NAG D . 4.18 24.11 18.61
O6 NAG D . 5.81 23.82 21.15
O7 NAG D . 5.61 26.66 13.65
C1 NAG D . 8.44 22.69 19.75
C2 NAG D . 8.97 21.38 20.31
C3 NAG D . 9.96 21.66 21.44
C4 NAG D . 11.08 22.55 20.92
C5 NAG D . 10.52 23.82 20.25
C6 NAG D . 11.60 24.64 19.56
C7 NAG D . 7.42 19.51 20.02
C8 NAG D . 6.29 18.71 20.61
N2 NAG D . 7.89 20.51 20.77
O3 NAG D . 10.50 20.44 21.92
O4 NAG D . 11.95 22.94 21.97
O5 NAG D . 9.55 23.48 19.24
O6 NAG D . 11.09 25.85 19.05
O7 NAG D . 7.89 19.25 18.91
C1 FUC D . 5.08 24.55 22.17
C2 FUC D . 6.04 25.64 22.81
C3 FUC D . 6.15 26.91 21.90
C4 FUC D . 4.76 27.42 21.57
C5 FUC D . 4.00 26.34 20.83
C6 FUC D . 2.59 26.76 20.42
O2 FUC D . 7.34 25.13 23.13
O3 FUC D . 6.87 27.96 22.57
O4 FUC D . 4.06 27.77 22.79
O5 FUC D . 3.87 25.13 21.65
C1 DEP E . 10.18 -7.64 -21.79
C2 DEP E . 9.86 -6.20 -21.41
C3 DEP E . 8.79 -7.89 -25.81
C4 DEP E . 9.14 -9.33 -26.13
O1 DEP E . 11.11 -7.61 -22.84
O2 DEP E . 9.31 -7.67 -24.49
O3 DEP E . 11.72 -7.39 -25.32
P DEP E . 10.74 -7.03 -24.26
C1 EDO F . -8.72 -4.99 -8.33
O1 EDO F . -8.27 -3.65 -8.20
C2 EDO F . -10.13 -5.10 -7.79
O2 EDO F . -10.10 -4.95 -6.36
C1 EDO G . 8.15 8.45 -7.28
O1 EDO G . 9.17 9.14 -6.55
C2 EDO G . 7.68 7.21 -6.52
O2 EDO G . 8.77 6.35 -6.20
O3 HI6 H . 11.93 -21.77 -26.58
C14 HI6 H . 10.78 -21.81 -26.19
N4 HI6 H . 10.13 -23.04 -25.97
C11 HI6 H . 10.03 -20.47 -25.89
C10 HI6 H . 8.70 -20.43 -25.43
C9 HI6 H . 8.03 -19.22 -25.16
N3 HI6 H . 8.66 -17.99 -25.33
C13 HI6 H . 9.96 -18.01 -25.77
C12 HI6 H . 10.62 -19.20 -26.06
C8 HI6 H . 7.93 -16.66 -25.02
O2 HI6 H . 6.75 -16.55 -25.84
C7 HI6 H . 5.70 -15.72 -25.32
N2 HI6 H . 5.87 -14.23 -25.69
C2 HI6 H . 6.01 -13.21 -24.69
C1 HI6 H . 5.99 -13.50 -23.32
N1 HI6 H . 6.84 -14.40 -22.60
O1 HI6 H . 6.81 -14.62 -21.45
C3 HI6 H . 6.16 -11.85 -25.14
C4 HI6 H . 6.20 -11.50 -26.48
C5 HI6 H . 6.05 -12.53 -27.44
C6 HI6 H . 5.91 -13.82 -27.03
C1 NAG I . 5.40 -16.55 49.60
C2 NAG I . 5.17 -18.07 49.44
C3 NAG I . 5.40 -18.79 50.77
C4 NAG I . 4.48 -18.27 51.88
C5 NAG I . 4.30 -16.77 51.77
C6 NAG I . 4.25 -16.06 53.11
C7 NAG I . 3.58 -18.98 47.79
C8 NAG I . 2.12 -19.18 47.46
N2 NAG I . 3.83 -18.34 48.94
O3 NAG I . 6.77 -18.67 51.16
O4 NAG I . 3.21 -18.92 51.85
O5 NAG I . 5.39 -16.19 51.03
O6 NAG I . 4.95 -16.75 54.14
O7 NAG I . 4.48 -19.36 47.03
C1 DEP J . -7.76 4.93 23.50
C2 DEP J . -8.65 4.74 22.31
C3 DEP J . -8.87 8.29 25.69
C4 DEP J . -7.69 8.20 26.67
O1 DEP J . -8.52 4.73 24.64
O2 DEP J . -8.79 7.15 24.86
O3 DEP J . -10.06 5.55 26.49
P DEP J . -9.62 5.81 25.10
O1 PE8 K . -4.37 -21.83 34.01
C2 PE8 K . -3.48 -22.47 33.07
C3 PE8 K . -2.08 -21.90 33.25
O4 PE8 K . -2.09 -20.49 32.99
C5 PE8 K . -1.31 -19.76 33.95
C6 PE8 K . -1.65 -18.27 33.88
O7 PE8 K . -2.36 -17.87 35.08
C8 PE8 K . -3.43 -16.96 34.83
C9 PE8 K . -4.55 -17.18 35.92
O10 PE8 K . -5.45 -18.17 35.45
C11 PE8 K . -6.74 -18.15 36.09
C12 PE8 K . -7.52 -19.43 35.75
O13 PE8 K . -7.16 -19.92 34.45
C14 PE8 K . -8.25 -20.46 33.70
C15 PE8 K . -7.75 -21.57 32.73
O16 PE8 K . -6.78 -21.08 31.82
C17 PE8 K . -6.94 -21.55 30.46
C18 PE8 K . -5.79 -20.96 29.53
O19 PE8 K . -4.54 -20.88 30.26
C20 PE8 K . -3.57 -19.88 29.78
C21 PE8 K . -3.86 -19.48 28.31
O22 PE8 K . -3.47 -18.11 28.10
C23 PE8 K . -3.07 -17.81 26.78
C24 PE8 K . -4.36 -17.58 25.95
O25 PE8 K . -4.50 -18.68 25.08
C1 EDO L . 2.01 13.42 1.96
O1 EDO L . 3.15 12.74 1.43
C2 EDO L . 1.47 12.66 3.18
O2 EDO L . 0.67 11.56 2.70
C1 EDO M . -11.99 -3.59 4.14
O1 EDO M . -12.71 -4.81 3.94
C2 EDO M . -10.49 -3.89 4.13
O2 EDO M . -10.16 -4.95 5.05
N NO3 N . 3.74 -14.58 33.60
O1 NO3 N . 2.95 -15.42 33.07
O2 NO3 N . 4.69 -14.09 32.92
O3 NO3 N . 3.57 -14.22 34.82
O3 HI6 O . 2.54 9.19 35.10
C14 HI6 O . 1.39 8.83 34.85
N4 HI6 O . 0.63 8.13 35.76
C11 HI6 O . 0.76 9.17 33.47
C10 HI6 O . -0.47 8.60 33.08
C9 HI6 O . -1.06 8.85 31.84
N3 HI6 O . -0.48 9.70 30.93
C13 HI6 O . 0.73 10.27 31.29
C12 HI6 O . 1.34 10.02 32.53
C8 HI6 O . -1.13 9.98 29.59
O2 HI6 O . -0.90 11.34 29.25
C7 HI6 O . -2.06 12.19 29.04
N2 HI6 O . -2.94 11.77 27.80
C2 HI6 O . -4.36 11.98 27.79
C1 HI6 O . -5.01 12.55 28.90
N1 HI6 O . -4.90 12.08 30.28
O1 HI6 O . -5.63 12.22 31.18
C3 HI6 O . -5.10 11.56 26.64
C4 HI6 O . -4.51 10.99 25.54
C5 HI6 O . -3.09 10.78 25.55
C6 HI6 O . -2.36 11.17 26.65
#